data_6ZND
#
_entry.id   6ZND
#
_cell.length_a   171.060
_cell.length_b   69.520
_cell.length_c   55.090
_cell.angle_alpha   90.000
_cell.angle_beta   91.160
_cell.angle_gamma   90.000
#
_symmetry.space_group_name_H-M   'C 1 2 1'
#
loop_
_entity.id
_entity.type
_entity.pdbx_description
1 polymer "cGMP-dependent 3',5'-cyclic phosphodiesterase"
2 non-polymer 'ZINC ION'
3 non-polymer 'MAGNESIUM ION'
4 non-polymer [(3~{S})-3-([1,2,4]triazolo[1,5-a]pyrimidin-7-yl)piperidin-1-yl]-(3,4,5-trimethoxyphenyl)methanone
5 water water
#
_entity_poly.entity_id   1
_entity_poly.type   'polypeptide(L)'
_entity_poly.pdbx_seq_one_letter_code
;MGSDDEYTKLLHDGIQPVAAIDSNFASFTYTPRSLPEDDTSMAILSMLQDMNFINNYKIDCPTLARFCLMVKKGYRDPPY
HNWMHAFSVSHFCYLLYKNLELTNYLEDIEIFALFISCMCHDLDHRGTNNSFQVASKSVLAALYSSEGSVMERHHFAQAI
AILNTHGCNIFDHFSRKDYQRMLDLMRDIILATDLAHHLRIFKDLQKMAEVGYDRNNKQHHRLLLCLLMTSCDLSDQTKG
WKTTRKIAELIYKEFFSQGDLEKAMGNRPMEMMDREKAYIPELQISFMEHIAMPIYKLLQDLFPKAAELYERVASNREHW
TKVSHKFTIRGLPSNNSLDFLDEEYERHHHHHH
;
_entity_poly.pdbx_strand_id   A,B
#
loop_
_chem_comp.id
_chem_comp.type
_chem_comp.name
_chem_comp.formula
MG non-polymer 'MAGNESIUM ION' 'Mg 2'
QMZ non-polymer [(3~{S})-3-([1,2,4]triazolo[1,5-a]pyrimidin-7-yl)piperidin-1-yl]-(3,4,5-trimethoxyphenyl)methanone 'C20 H23 N5 O4'
ZN non-polymer 'ZINC ION' 'Zn 2'
#
# COMPACT_ATOMS: atom_id res chain seq x y z
N GLN A 16 -38.03 -20.51 -19.92
CA GLN A 16 -38.24 -19.45 -18.90
C GLN A 16 -37.57 -18.14 -19.33
N PRO A 17 -38.28 -17.01 -19.21
CA PRO A 17 -37.68 -15.67 -19.12
C PRO A 17 -37.73 -15.07 -17.71
N VAL A 18 -37.19 -13.86 -17.57
CA VAL A 18 -36.98 -13.23 -16.27
C VAL A 18 -38.28 -12.67 -15.68
N ALA A 20 -40.27 -14.68 -15.36
CA ALA A 20 -40.87 -15.89 -14.78
C ALA A 20 -40.05 -16.47 -13.62
N ILE A 21 -38.79 -16.04 -13.50
CA ILE A 21 -37.89 -16.51 -12.45
C ILE A 21 -38.13 -15.78 -11.13
N ASP A 22 -38.31 -14.46 -11.20
CA ASP A 22 -38.68 -13.65 -10.03
C ASP A 22 -38.93 -12.21 -10.45
N SER A 23 -39.86 -11.56 -9.76
CA SER A 23 -40.24 -10.18 -10.09
C SER A 23 -39.15 -9.19 -9.78
N ASN A 24 -38.36 -9.47 -8.74
CA ASN A 24 -37.24 -8.60 -8.35
C ASN A 24 -35.95 -8.84 -9.13
N PHE A 25 -35.98 -9.81 -10.04
CA PHE A 25 -34.76 -10.31 -10.69
C PHE A 25 -33.85 -9.24 -11.28
N ALA A 26 -34.45 -8.22 -11.91
CA ALA A 26 -33.72 -7.13 -12.54
C ALA A 26 -33.43 -6.00 -11.57
N SER A 27 -33.75 -6.22 -10.29
CA SER A 27 -33.59 -5.19 -9.29
C SER A 27 -32.25 -5.35 -8.56
N PHE A 28 -31.66 -4.21 -8.19
CA PHE A 28 -30.47 -4.16 -7.35
C PHE A 28 -30.65 -4.74 -5.95
N THR A 29 -31.90 -4.95 -5.52
CA THR A 29 -32.18 -5.48 -4.19
C THR A 29 -32.25 -7.01 -4.23
N TYR A 30 -32.43 -7.58 -5.41
CA TYR A 30 -32.52 -9.03 -5.55
C TYR A 30 -31.20 -9.69 -5.19
N THR A 31 -31.27 -10.88 -4.60
CA THR A 31 -30.09 -11.66 -4.20
C THR A 31 -30.04 -12.98 -4.95
N PRO A 32 -29.06 -13.13 -5.86
CA PRO A 32 -28.98 -14.31 -6.72
C PRO A 32 -28.61 -15.58 -5.95
N ARG A 33 -28.04 -15.43 -4.76
CA ARG A 33 -27.71 -16.58 -3.93
C ARG A 33 -28.96 -17.24 -3.38
N SER A 34 -30.06 -16.48 -3.32
CA SER A 34 -31.39 -17.01 -3.01
C SER A 34 -31.82 -18.03 -4.04
N LEU A 35 -31.27 -17.95 -5.25
CA LEU A 35 -31.68 -18.87 -6.30
C LEU A 35 -31.07 -20.24 -6.00
N PRO A 36 -31.88 -21.31 -6.10
CA PRO A 36 -31.33 -22.66 -5.92
C PRO A 36 -30.22 -22.93 -6.91
N GLU A 37 -29.15 -23.56 -6.44
CA GLU A 37 -28.00 -23.91 -7.30
C GLU A 37 -28.42 -24.70 -8.55
N ASP A 38 -29.47 -25.51 -8.45
CA ASP A 38 -29.92 -26.30 -9.60
C ASP A 38 -30.56 -25.46 -10.71
N ASP A 39 -31.02 -24.25 -10.36
CA ASP A 39 -31.69 -23.36 -11.31
C ASP A 39 -30.75 -22.27 -11.90
N THR A 40 -29.49 -22.23 -11.48
CA THR A 40 -28.57 -21.16 -11.94
C THR A 40 -28.17 -21.26 -13.42
N SER A 41 -27.86 -22.44 -13.95
CA SER A 41 -27.51 -22.56 -15.37
C SER A 41 -28.59 -21.89 -16.19
N MET A 42 -29.83 -22.34 -16.00
CA MET A 42 -31.01 -21.80 -16.68
C MET A 42 -31.12 -20.29 -16.54
N ALA A 43 -30.76 -19.76 -15.37
CA ALA A 43 -30.83 -18.30 -15.13
C ALA A 43 -29.81 -17.53 -15.95
N ILE A 44 -28.66 -18.16 -16.18
CA ILE A 44 -27.65 -17.59 -17.05
C ILE A 44 -28.32 -17.38 -18.39
N LEU A 45 -28.88 -18.45 -18.93
CA LEU A 45 -29.52 -18.40 -20.24
C LEU A 45 -30.57 -17.30 -20.28
N SER A 46 -31.37 -17.20 -19.22
CA SER A 46 -32.43 -16.21 -19.16
C SER A 46 -31.93 -14.78 -19.23
N MET A 47 -30.72 -14.54 -18.72
CA MET A 47 -30.13 -13.20 -18.74
C MET A 47 -29.55 -12.86 -20.11
N LEU A 48 -29.00 -13.86 -20.77
CA LEU A 48 -28.46 -13.68 -22.12
C LEU A 48 -29.59 -13.40 -23.13
N GLN A 49 -30.77 -13.97 -22.85
CA GLN A 49 -31.96 -13.74 -23.66
C GLN A 49 -32.51 -12.34 -23.42
N ASP A 50 -32.58 -11.92 -22.18
CA ASP A 50 -33.19 -10.62 -21.84
C ASP A 50 -32.35 -9.43 -22.32
N MET A 51 -31.02 -9.56 -22.29
CA MET A 51 -30.11 -8.56 -22.85
C MET A 51 -30.07 -8.70 -24.39
N ASN A 52 -30.69 -9.79 -24.87
CA ASN A 52 -30.84 -10.09 -26.30
C ASN A 52 -29.54 -10.44 -27.01
N PHE A 53 -28.55 -10.92 -26.23
CA PHE A 53 -27.28 -11.36 -26.83
C PHE A 53 -27.41 -12.63 -27.67
N ILE A 54 -28.30 -13.56 -27.34
CA ILE A 54 -28.36 -14.84 -28.08
C ILE A 54 -28.81 -14.65 -29.52
N ASN A 55 -29.73 -13.72 -29.75
CA ASN A 55 -30.19 -13.40 -31.09
C ASN A 55 -29.31 -12.36 -31.79
N ASN A 56 -28.65 -11.51 -31.01
CA ASN A 56 -27.75 -10.50 -31.57
C ASN A 56 -26.66 -11.16 -32.35
N TYR A 57 -25.97 -12.06 -31.67
CA TYR A 57 -24.80 -12.74 -32.19
C TYR A 57 -25.19 -14.14 -32.62
N LYS A 58 -26.48 -14.43 -32.54
CA LYS A 58 -27.02 -15.68 -33.05
C LYS A 58 -26.23 -16.86 -32.48
N ILE A 59 -26.14 -16.92 -31.16
CA ILE A 59 -25.42 -18.01 -30.51
C ILE A 59 -26.22 -19.29 -30.70
N ASP A 60 -25.51 -20.35 -31.09
CA ASP A 60 -26.10 -21.69 -31.13
C ASP A 60 -26.45 -22.06 -29.69
N CYS A 61 -27.68 -22.53 -29.46
CA CYS A 61 -28.19 -22.73 -28.09
C CYS A 61 -27.69 -23.99 -27.36
N PRO A 62 -27.75 -25.16 -28.01
CA PRO A 62 -27.16 -26.36 -27.40
C PRO A 62 -25.67 -26.19 -27.12
N THR A 63 -24.99 -25.44 -27.98
CA THR A 63 -23.58 -25.11 -27.79
C THR A 63 -23.43 -24.27 -26.53
N LEU A 64 -24.18 -23.17 -26.46
CA LEU A 64 -24.19 -22.26 -25.31
C LEU A 64 -24.55 -23.00 -24.04
N ALA A 65 -25.54 -23.87 -24.13
CA ALA A 65 -25.93 -24.68 -22.99
C ALA A 65 -24.72 -25.46 -22.48
N ARG A 66 -24.06 -26.19 -23.37
CA ARG A 66 -22.91 -27.00 -22.96
C ARG A 66 -21.83 -26.13 -22.33
N PHE A 67 -21.58 -24.97 -22.93
CA PHE A 67 -20.62 -24.02 -22.39
C PHE A 67 -20.97 -23.62 -20.95
N CYS A 68 -22.21 -23.19 -20.75
CA CYS A 68 -22.67 -22.80 -19.43
C CYS A 68 -22.31 -23.87 -18.41
N LEU A 69 -22.60 -25.12 -18.76
CA LEU A 69 -22.43 -26.25 -17.85
C LEU A 69 -20.98 -26.66 -17.67
N MET A 70 -20.17 -26.54 -18.70
CA MET A 70 -18.74 -26.74 -18.55
C MET A 70 -18.17 -25.63 -17.65
N VAL A 71 -18.73 -24.43 -17.73
CA VAL A 71 -18.28 -23.35 -16.83
C VAL A 71 -18.63 -23.74 -15.40
N LYS A 72 -19.91 -24.01 -15.14
CA LYS A 72 -20.39 -24.41 -13.80
C LYS A 72 -19.50 -25.50 -13.17
N LYS A 73 -19.25 -26.58 -13.92
CA LYS A 73 -18.41 -27.69 -13.46
C LYS A 73 -16.96 -27.29 -13.31
N GLY A 74 -16.53 -26.24 -14.03
CA GLY A 74 -15.16 -25.75 -13.96
C GLY A 74 -14.83 -25.10 -12.64
N TYR A 75 -15.86 -24.81 -11.84
CA TYR A 75 -15.69 -24.31 -10.48
C TYR A 75 -15.61 -25.42 -9.43
N ARG A 76 -14.79 -25.21 -8.42
CA ARG A 76 -14.69 -26.09 -7.25
C ARG A 76 -15.55 -25.51 -6.17
N ASP A 77 -15.43 -26.05 -4.96
CA ASP A 77 -16.36 -25.73 -3.88
C ASP A 77 -15.65 -25.26 -2.62
N PRO A 78 -14.66 -24.33 -2.76
CA PRO A 78 -14.16 -23.73 -1.52
C PRO A 78 -15.25 -22.85 -0.97
N PRO A 79 -15.02 -22.26 0.21
CA PRO A 79 -16.13 -21.53 0.81
C PRO A 79 -16.70 -20.34 0.01
N TYR A 80 -15.86 -19.47 -0.54
CA TYR A 80 -16.35 -18.31 -1.33
C TYR A 80 -16.16 -18.43 -2.86
N HIS A 81 -14.97 -18.83 -3.31
CA HIS A 81 -14.68 -18.83 -4.76
C HIS A 81 -15.21 -20.10 -5.44
N ASN A 82 -16.53 -20.16 -5.53
CA ASN A 82 -17.26 -21.28 -6.13
C ASN A 82 -18.27 -20.80 -7.18
N TRP A 83 -18.96 -21.73 -7.82
CA TRP A 83 -19.86 -21.35 -8.89
C TRP A 83 -20.86 -20.27 -8.48
N MET A 84 -21.45 -20.38 -7.29
CA MET A 84 -22.49 -19.41 -6.89
C MET A 84 -21.92 -18.03 -6.81
N HIS A 85 -20.60 -17.94 -6.65
CA HIS A 85 -19.91 -16.65 -6.75
C HIS A 85 -19.97 -16.20 -8.20
N ALA A 86 -19.60 -17.08 -9.10
CA ALA A 86 -19.51 -16.75 -10.51
C ALA A 86 -20.90 -16.35 -11.03
N PHE A 87 -21.90 -17.17 -10.74
CA PHE A 87 -23.29 -16.81 -11.02
C PHE A 87 -23.63 -15.41 -10.55
N SER A 88 -23.28 -15.12 -9.29
CA SER A 88 -23.71 -13.89 -8.66
C SER A 88 -22.98 -12.66 -9.22
N VAL A 89 -21.73 -12.83 -9.62
CA VAL A 89 -21.01 -11.77 -10.32
C VAL A 89 -21.69 -11.52 -11.68
N SER A 90 -21.99 -12.59 -12.39
CA SER A 90 -22.70 -12.51 -13.67
C SER A 90 -24.04 -11.78 -13.49
N HIS A 91 -24.78 -12.11 -12.44
CA HIS A 91 -26.08 -11.50 -12.22
C HIS A 91 -25.96 -10.00 -12.09
N PHE A 92 -24.97 -9.55 -11.33
CA PHE A 92 -24.78 -8.12 -11.18
C PHE A 92 -24.45 -7.43 -12.51
N CYS A 93 -23.74 -8.14 -13.39
CA CYS A 93 -23.41 -7.58 -14.70
C CYS A 93 -24.67 -7.33 -15.48
N TYR A 94 -25.54 -8.33 -15.46
CA TYR A 94 -26.86 -8.19 -15.98
C TYR A 94 -27.57 -6.95 -15.38
N LEU A 95 -27.57 -6.82 -14.06
CA LEU A 95 -28.25 -5.68 -13.41
C LEU A 95 -27.71 -4.32 -13.86
N LEU A 96 -26.44 -4.28 -14.24
CA LEU A 96 -25.88 -3.03 -14.71
C LEU A 96 -26.48 -2.66 -16.06
N TYR A 97 -26.76 -3.67 -16.89
CA TYR A 97 -27.32 -3.46 -18.21
C TYR A 97 -28.77 -2.96 -18.12
N LYS A 98 -29.52 -3.48 -17.15
CA LYS A 98 -30.92 -3.12 -16.94
C LYS A 98 -31.03 -1.71 -16.36
N ASN A 99 -30.24 -1.44 -15.34
CA ASN A 99 -30.45 -0.27 -14.50
C ASN A 99 -29.59 0.94 -14.89
N LEU A 100 -28.38 0.68 -15.37
CA LEU A 100 -27.63 1.70 -16.07
C LEU A 100 -27.89 1.45 -17.54
N GLU A 101 -27.66 2.44 -18.37
CA GLU A 101 -27.91 2.25 -19.79
C GLU A 101 -26.74 1.47 -20.39
N LEU A 102 -25.51 1.98 -20.20
CA LEU A 102 -24.26 1.32 -20.63
C LEU A 102 -24.07 1.27 -22.14
N THR A 103 -25.13 0.92 -22.87
CA THR A 103 -25.14 0.96 -24.33
C THR A 103 -24.71 2.30 -24.91
N ASN A 104 -24.99 3.38 -24.18
CA ASN A 104 -24.48 4.71 -24.55
C ASN A 104 -23.01 4.95 -24.19
N TYR A 105 -22.42 4.03 -23.45
CA TYR A 105 -21.02 4.08 -23.04
C TYR A 105 -20.18 3.00 -23.73
N LEU A 106 -20.73 1.79 -23.95
CA LEU A 106 -19.95 0.65 -24.44
C LEU A 106 -20.62 -0.09 -25.58
N GLU A 107 -19.81 -0.58 -26.52
CA GLU A 107 -20.34 -1.39 -27.63
C GLU A 107 -20.94 -2.70 -27.11
N ASP A 108 -22.14 -3.05 -27.56
CA ASP A 108 -22.81 -4.30 -27.16
C ASP A 108 -21.85 -5.50 -27.01
N ILE A 109 -20.97 -5.70 -27.99
CA ILE A 109 -20.02 -6.82 -27.94
C ILE A 109 -19.07 -6.76 -26.74
N GLU A 110 -18.86 -5.56 -26.20
CA GLU A 110 -18.05 -5.39 -25.01
C GLU A 110 -18.82 -5.79 -23.74
N ILE A 111 -20.15 -5.63 -23.78
CA ILE A 111 -21.03 -5.91 -22.64
C ILE A 111 -21.25 -7.42 -22.53
N PHE A 112 -21.38 -8.03 -23.70
CA PHE A 112 -21.47 -9.47 -23.84
C PHE A 112 -20.15 -10.17 -23.41
N ALA A 113 -19.01 -9.56 -23.68
CA ALA A 113 -17.74 -10.14 -23.22
C ALA A 113 -17.61 -9.93 -21.71
N LEU A 114 -18.18 -8.84 -21.20
CA LEU A 114 -18.16 -8.58 -19.77
C LEU A 114 -18.93 -9.63 -19.01
N PHE A 115 -20.07 -10.06 -19.58
CA PHE A 115 -20.91 -11.09 -18.97
C PHE A 115 -20.31 -12.46 -19.07
N ILE A 116 -19.75 -12.81 -20.23
CA ILE A 116 -19.16 -14.15 -20.37
C ILE A 116 -17.96 -14.24 -19.43
N SER A 117 -17.17 -13.17 -19.41
CA SER A 117 -16.02 -13.04 -18.51
C SER A 117 -16.40 -13.25 -17.05
N CYS A 118 -17.47 -12.56 -16.62
CA CYS A 118 -18.02 -12.74 -15.27
C CYS A 118 -18.21 -14.22 -14.96
N MET A 119 -18.79 -14.95 -15.91
CA MET A 119 -19.09 -16.36 -15.72
C MET A 119 -17.81 -17.12 -15.49
N CYS A 120 -16.79 -16.77 -16.28
CA CYS A 120 -15.56 -17.52 -16.32
C CYS A 120 -14.47 -17.05 -15.37
N HIS A 121 -14.66 -15.94 -14.67
CA HIS A 121 -13.52 -15.21 -14.08
C HIS A 121 -12.76 -15.86 -12.90
N ASP A 122 -13.36 -16.81 -12.22
CA ASP A 122 -12.66 -17.47 -11.10
C ASP A 122 -12.53 -18.99 -11.33
N LEU A 123 -12.60 -19.41 -12.58
CA LEU A 123 -12.63 -20.83 -12.93
C LEU A 123 -11.49 -21.58 -12.28
N ASP A 124 -11.83 -22.74 -11.71
CA ASP A 124 -10.87 -23.63 -11.05
C ASP A 124 -10.04 -22.88 -10.00
N HIS A 125 -10.70 -22.00 -9.26
CA HIS A 125 -10.08 -21.36 -8.10
C HIS A 125 -9.94 -22.46 -7.07
N ARG A 126 -8.80 -22.50 -6.39
CA ARG A 126 -8.53 -23.52 -5.37
C ARG A 126 -8.66 -22.95 -3.96
N GLY A 127 -9.36 -21.83 -3.83
CA GLY A 127 -9.57 -21.18 -2.54
C GLY A 127 -8.38 -20.50 -1.90
N THR A 128 -7.36 -20.19 -2.71
CA THR A 128 -6.15 -19.53 -2.27
C THR A 128 -5.76 -18.42 -3.26
N ASN A 129 -4.86 -17.52 -2.85
CA ASN A 129 -4.57 -16.31 -3.64
C ASN A 129 -3.22 -16.39 -4.37
N ASN A 130 -2.89 -15.34 -5.11
CA ASN A 130 -1.73 -15.38 -5.99
C ASN A 130 -0.41 -15.66 -5.28
N SER A 131 -0.16 -14.96 -4.18
CA SER A 131 1.12 -15.10 -3.47
C SER A 131 1.26 -16.50 -2.89
N PHE A 132 0.15 -17.09 -2.45
CA PHE A 132 0.18 -18.48 -1.99
C PHE A 132 0.56 -19.48 -3.09
N GLN A 133 0.16 -19.21 -4.32
CA GLN A 133 0.54 -20.06 -5.44
C GLN A 133 2.02 -20.00 -5.57
N VAL A 134 2.58 -18.80 -5.40
CA VAL A 134 4.02 -18.61 -5.52
C VAL A 134 4.72 -19.24 -4.32
N ALA A 135 4.23 -18.98 -3.12
CA ALA A 135 4.84 -19.49 -1.88
C ALA A 135 4.96 -21.00 -1.94
N SER A 136 3.83 -21.65 -2.24
CA SER A 136 3.76 -23.10 -2.30
C SER A 136 4.36 -23.71 -3.59
N LYS A 137 4.79 -22.85 -4.53
CA LYS A 137 5.41 -23.30 -5.77
C LYS A 137 4.52 -24.25 -6.57
N SER A 138 3.25 -23.88 -6.71
CA SER A 138 2.28 -24.66 -7.49
C SER A 138 2.61 -24.65 -8.97
N VAL A 139 2.04 -25.58 -9.70
CA VAL A 139 2.17 -25.62 -11.16
C VAL A 139 1.76 -24.28 -11.80
N LEU A 140 0.77 -23.62 -11.20
CA LEU A 140 0.28 -22.34 -11.71
C LEU A 140 1.31 -21.24 -11.53
N ALA A 141 2.08 -21.28 -10.43
CA ALA A 141 3.14 -20.30 -10.20
C ALA A 141 4.24 -20.46 -11.23
N ALA A 142 4.62 -21.70 -11.49
CA ALA A 142 5.63 -22.00 -12.51
C ALA A 142 5.21 -21.38 -13.83
N LEU A 143 3.96 -21.62 -14.23
CA LEU A 143 3.44 -21.11 -15.51
C LEU A 143 3.36 -19.59 -15.60
N TYR A 144 2.91 -18.92 -14.55
CA TYR A 144 2.45 -17.53 -14.70
C TYR A 144 3.09 -16.49 -13.79
N SER A 145 3.87 -16.93 -12.79
CA SER A 145 4.35 -16.01 -11.75
C SER A 145 5.07 -14.81 -12.31
N SER A 146 5.88 -15.00 -13.34
CA SER A 146 6.75 -13.95 -13.87
C SER A 146 5.98 -12.85 -14.63
N GLU A 147 4.77 -13.17 -15.07
CA GLU A 147 3.89 -12.17 -15.66
C GLU A 147 2.87 -11.59 -14.66
N GLY A 148 2.67 -12.23 -13.53
CA GLY A 148 1.72 -11.75 -12.52
C GLY A 148 0.28 -12.21 -12.70
N SER A 149 -0.53 -12.01 -11.68
CA SER A 149 -1.92 -12.36 -11.69
C SER A 149 -2.06 -13.86 -12.00
N VAL A 150 -1.45 -14.67 -11.15
CA VAL A 150 -1.30 -16.07 -11.42
C VAL A 150 -2.67 -16.71 -11.63
N MET A 151 -3.58 -16.54 -10.66
CA MET A 151 -4.88 -17.21 -10.71
C MET A 151 -5.74 -16.76 -11.89
N GLU A 152 -5.68 -15.45 -12.17
CA GLU A 152 -6.44 -14.80 -13.26
C GLU A 152 -6.00 -15.23 -14.64
N ARG A 153 -4.70 -15.42 -14.82
CA ARG A 153 -4.20 -16.04 -16.07
C ARG A 153 -4.64 -17.50 -16.20
N HIS A 154 -4.75 -18.18 -15.07
CA HIS A 154 -5.24 -19.55 -15.06
C HIS A 154 -6.74 -19.53 -15.36
N HIS A 155 -7.48 -18.63 -14.73
CA HIS A 155 -8.92 -18.50 -15.01
C HIS A 155 -9.14 -18.34 -16.53
N PHE A 156 -8.38 -17.44 -17.12
CA PHE A 156 -8.50 -17.18 -18.53
C PHE A 156 -8.10 -18.40 -19.35
N ALA A 157 -7.08 -19.12 -18.89
CA ALA A 157 -6.64 -20.34 -19.59
C ALA A 157 -7.75 -21.39 -19.63
N GLN A 158 -8.51 -21.48 -18.53
CA GLN A 158 -9.57 -22.49 -18.41
C GLN A 158 -10.72 -22.15 -19.35
N ALA A 159 -11.08 -20.88 -19.43
CA ALA A 159 -12.12 -20.45 -20.36
C ALA A 159 -11.72 -20.88 -21.74
N ILE A 160 -10.49 -20.56 -22.12
CA ILE A 160 -10.00 -20.96 -23.41
C ILE A 160 -10.10 -22.45 -23.59
N ALA A 161 -9.74 -23.25 -22.59
CA ALA A 161 -9.75 -24.69 -22.76
C ALA A 161 -11.18 -25.20 -22.97
N ILE A 162 -12.14 -24.55 -22.33
CA ILE A 162 -13.53 -24.88 -22.52
C ILE A 162 -14.01 -24.51 -23.92
N LEU A 163 -13.64 -23.33 -24.41
CA LEU A 163 -14.06 -22.85 -25.73
C LEU A 163 -13.54 -23.77 -26.83
N ASN A 164 -12.40 -24.41 -26.56
CA ASN A 164 -11.80 -25.35 -27.48
C ASN A 164 -12.06 -26.81 -27.13
N THR A 165 -13.10 -27.04 -26.33
CA THR A 165 -13.66 -28.38 -26.15
C THR A 165 -14.76 -28.54 -27.19
N HIS A 166 -14.89 -29.75 -27.74
CA HIS A 166 -15.82 -29.98 -28.82
C HIS A 166 -17.24 -29.65 -28.40
N GLY A 167 -17.93 -28.84 -29.19
CA GLY A 167 -19.34 -28.54 -28.94
C GLY A 167 -19.60 -27.49 -27.87
N CYS A 168 -18.54 -26.80 -27.45
CA CYS A 168 -18.65 -25.77 -26.42
C CYS A 168 -18.26 -24.36 -26.92
N ASN A 169 -17.84 -24.24 -28.19
CA ASN A 169 -17.32 -22.96 -28.69
C ASN A 169 -18.38 -21.95 -29.09
N ILE A 170 -18.93 -21.27 -28.11
CA ILE A 170 -20.05 -20.39 -28.39
C ILE A 170 -19.73 -19.28 -29.38
N PHE A 171 -18.46 -19.11 -29.78
CA PHE A 171 -18.05 -18.12 -30.79
C PHE A 171 -17.59 -18.70 -32.13
N ASP A 172 -17.75 -20.01 -32.34
CA ASP A 172 -17.19 -20.65 -33.54
C ASP A 172 -17.70 -20.02 -34.84
N HIS A 173 -18.90 -19.43 -34.79
CA HIS A 173 -19.55 -18.77 -35.94
C HIS A 173 -19.23 -17.29 -36.09
N PHE A 174 -18.49 -16.71 -35.15
CA PHE A 174 -18.18 -15.27 -35.20
C PHE A 174 -17.24 -15.00 -36.35
N SER A 175 -17.30 -13.79 -36.90
CA SER A 175 -16.30 -13.36 -37.85
C SER A 175 -14.93 -13.51 -37.20
N ARG A 176 -13.94 -13.92 -37.99
CA ARG A 176 -12.54 -13.91 -37.54
C ARG A 176 -12.30 -12.66 -36.68
N LYS A 177 -12.67 -11.50 -37.22
CA LYS A 177 -12.46 -10.22 -36.52
C LYS A 177 -13.18 -10.12 -35.17
N ASP A 178 -14.43 -10.58 -35.11
CA ASP A 178 -15.26 -10.53 -33.90
C ASP A 178 -14.78 -11.53 -32.84
N TYR A 179 -14.29 -12.67 -33.32
CA TYR A 179 -13.79 -13.74 -32.45
C TYR A 179 -12.52 -13.27 -31.76
N GLN A 180 -11.62 -12.68 -32.52
CA GLN A 180 -10.41 -12.09 -31.97
C GLN A 180 -10.77 -11.08 -30.90
N ARG A 181 -11.71 -10.20 -31.21
CA ARG A 181 -12.10 -9.15 -30.27
C ARG A 181 -12.71 -9.76 -28.98
N MET A 182 -13.40 -10.87 -29.08
CA MET A 182 -13.94 -11.55 -27.89
C MET A 182 -12.80 -12.08 -27.00
N LEU A 183 -11.79 -12.69 -27.62
CA LEU A 183 -10.61 -13.17 -26.87
C LEU A 183 -9.85 -12.06 -26.14
N ASP A 184 -9.63 -10.92 -26.81
CA ASP A 184 -8.92 -9.80 -26.17
C ASP A 184 -9.71 -9.25 -24.99
N LEU A 185 -11.00 -9.10 -25.19
CA LEU A 185 -11.85 -8.53 -24.16
C LEU A 185 -11.85 -9.42 -22.94
N MET A 186 -12.21 -10.69 -23.13
CA MET A 186 -12.27 -11.66 -22.06
C MET A 186 -10.96 -11.68 -21.28
N ARG A 187 -9.85 -11.79 -22.03
CA ARG A 187 -8.53 -11.76 -21.44
C ARG A 187 -8.36 -10.55 -20.55
N ASP A 188 -8.59 -9.34 -21.11
CA ASP A 188 -8.34 -8.11 -20.36
C ASP A 188 -9.26 -7.99 -19.14
N ILE A 189 -10.49 -8.50 -19.28
CA ILE A 189 -11.51 -8.33 -18.24
C ILE A 189 -11.23 -9.29 -17.11
N ILE A 190 -11.00 -10.55 -17.46
CA ILE A 190 -10.57 -11.55 -16.50
C ILE A 190 -9.33 -11.08 -15.77
N LEU A 191 -8.37 -10.53 -16.51
CA LEU A 191 -7.16 -10.04 -15.87
C LEU A 191 -7.46 -8.96 -14.87
N ALA A 192 -8.43 -8.09 -15.17
CA ALA A 192 -8.73 -6.93 -14.33
C ALA A 192 -9.35 -7.29 -12.97
N THR A 193 -9.80 -8.54 -12.80
CA THR A 193 -10.31 -9.00 -11.49
C THR A 193 -9.24 -9.17 -10.44
N ASP A 194 -7.97 -9.22 -10.82
CA ASP A 194 -6.90 -9.18 -9.83
C ASP A 194 -7.04 -7.81 -9.17
N LEU A 195 -7.31 -7.79 -7.86
CA LEU A 195 -7.46 -6.53 -7.15
C LEU A 195 -6.15 -5.73 -7.17
N ALA A 196 -5.02 -6.40 -7.38
CA ALA A 196 -3.72 -5.74 -7.52
C ALA A 196 -3.78 -4.81 -8.70
N HIS A 197 -4.31 -5.34 -9.79
CA HIS A 197 -4.48 -4.59 -11.03
C HIS A 197 -5.36 -3.36 -10.84
N HIS A 198 -6.55 -3.55 -10.29
CA HIS A 198 -7.46 -2.45 -10.02
C HIS A 198 -6.75 -1.35 -9.25
N LEU A 199 -6.10 -1.73 -8.17
CA LEU A 199 -5.38 -0.76 -7.33
C LEU A 199 -4.25 -0.02 -8.08
N ARG A 200 -3.69 -0.64 -9.12
CA ARG A 200 -2.71 0.00 -10.01
C ARG A 200 -3.29 1.03 -10.99
N ILE A 201 -4.50 0.76 -11.48
CA ILE A 201 -5.14 1.63 -12.48
C ILE A 201 -6.18 2.54 -11.87
N PHE A 202 -6.21 2.60 -10.55
CA PHE A 202 -7.22 3.39 -9.88
C PHE A 202 -7.05 4.87 -10.26
N LYS A 203 -5.82 5.37 -10.28
CA LYS A 203 -5.57 6.77 -10.69
C LYS A 203 -5.95 7.02 -12.16
N ASP A 204 -5.87 5.99 -13.02
CA ASP A 204 -6.35 6.11 -14.40
C ASP A 204 -7.87 6.15 -14.47
N LEU A 205 -8.54 5.37 -13.63
CA LEU A 205 -10.00 5.43 -13.55
C LEU A 205 -10.45 6.81 -13.02
N GLN A 206 -9.66 7.38 -12.12
CA GLN A 206 -9.90 8.71 -11.54
C GLN A 206 -9.82 9.84 -12.57
N LYS A 207 -8.81 9.81 -13.44
CA LYS A 207 -8.71 10.73 -14.59
C LYS A 207 -9.96 10.70 -15.47
N MET A 208 -10.60 9.54 -15.56
CA MET A 208 -11.78 9.31 -16.38
C MET A 208 -13.08 9.62 -15.58
N ALA A 209 -12.92 10.12 -14.36
CA ALA A 209 -14.04 10.72 -13.64
C ALA A 209 -13.86 12.23 -13.42
N GLU A 210 -12.66 12.76 -13.77
CA GLU A 210 -12.43 14.21 -13.81
C GLU A 210 -12.62 14.76 -15.23
N VAL A 211 -11.91 14.21 -16.23
CA VAL A 211 -12.04 14.69 -17.61
C VAL A 211 -13.33 14.25 -18.30
N GLY A 212 -14.12 13.39 -17.64
CA GLY A 212 -15.35 12.87 -18.24
C GLY A 212 -15.05 11.78 -19.26
N TYR A 213 -16.02 10.89 -19.44
CA TYR A 213 -15.85 9.75 -20.32
C TYR A 213 -15.98 10.17 -21.78
N ASP A 214 -15.22 9.52 -22.65
CA ASP A 214 -15.17 9.85 -24.08
C ASP A 214 -15.52 8.62 -24.90
N ARG A 215 -16.79 8.54 -25.30
CA ARG A 215 -17.35 7.41 -26.05
C ARG A 215 -16.49 6.95 -27.26
N ASN A 216 -15.57 7.79 -27.72
CA ASN A 216 -14.72 7.46 -28.88
C ASN A 216 -13.31 7.06 -28.50
N ASN A 217 -12.92 7.28 -27.25
CA ASN A 217 -11.59 6.93 -26.76
C ASN A 217 -11.54 5.47 -26.35
N LYS A 218 -10.73 4.66 -27.05
CA LYS A 218 -10.73 3.21 -26.82
C LYS A 218 -10.21 2.82 -25.45
N GLN A 219 -9.22 3.56 -24.93
CA GLN A 219 -8.70 3.28 -23.57
C GLN A 219 -9.75 3.52 -22.47
N HIS A 220 -10.67 4.46 -22.70
CA HIS A 220 -11.80 4.71 -21.78
C HIS A 220 -12.77 3.53 -21.71
N HIS A 221 -13.13 3.01 -22.89
CA HIS A 221 -13.80 1.72 -23.01
C HIS A 221 -13.05 0.64 -22.20
N ARG A 222 -11.75 0.46 -22.47
CA ARG A 222 -10.97 -0.57 -21.77
C ARG A 222 -11.06 -0.33 -20.26
N LEU A 223 -10.85 0.91 -19.82
CA LEU A 223 -10.86 1.25 -18.39
C LEU A 223 -12.24 1.10 -17.74
N LEU A 224 -13.28 1.45 -18.49
CA LEU A 224 -14.65 1.33 -18.00
C LEU A 224 -15.04 -0.12 -17.74
N LEU A 225 -14.74 -1.00 -18.68
CA LEU A 225 -14.97 -2.43 -18.51
C LEU A 225 -14.30 -3.01 -17.24
N CYS A 226 -13.08 -2.56 -16.92
CA CYS A 226 -12.41 -3.00 -15.69
C CYS A 226 -13.18 -2.54 -14.46
N LEU A 227 -13.62 -1.28 -14.48
CA LEU A 227 -14.34 -0.76 -13.32
C LEU A 227 -15.58 -1.59 -13.00
N LEU A 228 -16.29 -1.99 -14.07
CA LEU A 228 -17.52 -2.75 -13.94
C LEU A 228 -17.31 -4.26 -13.67
N MET A 229 -16.14 -4.80 -14.04
CA MET A 229 -15.85 -6.20 -13.72
C MET A 229 -15.65 -6.29 -12.21
N THR A 230 -14.84 -5.39 -11.68
CA THR A 230 -14.62 -5.24 -10.26
C THR A 230 -15.94 -5.01 -9.53
N SER A 231 -16.70 -4.01 -10.01
CA SER A 231 -18.02 -3.71 -9.46
C SER A 231 -18.90 -4.95 -9.30
N CYS A 232 -18.85 -5.79 -10.30
CA CYS A 232 -19.51 -7.09 -10.25
C CYS A 232 -18.81 -8.04 -9.26
N ASP A 233 -17.48 -8.13 -9.36
CA ASP A 233 -16.70 -9.04 -8.51
C ASP A 233 -17.01 -8.79 -7.03
N LEU A 234 -17.18 -7.53 -6.65
CA LEU A 234 -17.45 -7.15 -5.24
C LEU A 234 -18.92 -6.89 -4.94
N SER A 235 -19.83 -7.37 -5.78
CA SER A 235 -21.22 -6.96 -5.73
C SER A 235 -22.01 -7.55 -4.57
N ASP A 236 -21.37 -8.40 -3.75
CA ASP A 236 -22.06 -8.91 -2.54
C ASP A 236 -22.29 -7.78 -1.53
N GLN A 237 -21.40 -6.80 -1.53
CA GLN A 237 -21.44 -5.67 -0.61
C GLN A 237 -22.51 -4.63 -0.94
N THR A 238 -23.15 -4.76 -2.10
CA THR A 238 -24.21 -3.84 -2.47
C THR A 238 -25.57 -4.34 -2.01
N LYS A 239 -25.65 -5.57 -1.50
CA LYS A 239 -26.92 -6.15 -1.00
C LYS A 239 -27.19 -5.72 0.45
N GLY A 240 -28.18 -6.34 1.08
CA GLY A 240 -28.51 -6.03 2.48
C GLY A 240 -27.51 -6.65 3.43
N TRP A 241 -27.55 -6.25 4.70
CA TRP A 241 -26.61 -6.77 5.71
C TRP A 241 -26.58 -8.29 5.80
N LYS A 242 -27.74 -8.93 5.68
CA LYS A 242 -27.81 -10.37 5.89
C LYS A 242 -26.76 -11.05 5.03
N THR A 243 -26.79 -10.71 3.75
CA THR A 243 -25.87 -11.26 2.73
C THR A 243 -24.39 -10.93 2.98
N THR A 244 -24.13 -9.66 3.30
CA THR A 244 -22.79 -9.16 3.55
C THR A 244 -22.07 -9.90 4.68
N ARG A 245 -22.83 -10.26 5.72
CA ARG A 245 -22.29 -10.96 6.89
C ARG A 245 -21.99 -12.42 6.56
N LYS A 246 -22.95 -13.07 5.92
CA LYS A 246 -22.76 -14.44 5.46
C LYS A 246 -21.53 -14.59 4.55
N ILE A 247 -21.40 -13.68 3.58
CA ILE A 247 -20.27 -13.68 2.64
C ILE A 247 -18.95 -13.35 3.34
N ALA A 248 -19.02 -12.57 4.41
CA ALA A 248 -17.82 -12.29 5.18
C ALA A 248 -17.33 -13.61 5.79
N GLU A 249 -18.24 -14.35 6.38
CA GLU A 249 -17.92 -15.67 6.93
C GLU A 249 -17.25 -16.59 5.92
N LEU A 250 -17.84 -16.68 4.74
CA LEU A 250 -17.31 -17.54 3.70
C LEU A 250 -15.92 -17.11 3.30
N ILE A 251 -15.70 -15.80 3.22
CA ILE A 251 -14.42 -15.28 2.79
C ILE A 251 -13.32 -15.59 3.78
N TYR A 252 -13.57 -15.36 5.06
CA TYR A 252 -12.55 -15.59 6.07
C TYR A 252 -12.29 -17.07 6.35
N LYS A 253 -13.33 -17.89 6.22
CA LYS A 253 -13.15 -19.34 6.32
C LYS A 253 -12.13 -19.76 5.26
N GLU A 254 -12.34 -19.29 4.05
CA GLU A 254 -11.39 -19.51 2.97
C GLU A 254 -10.00 -18.90 3.24
N PHE A 255 -9.93 -17.64 3.68
CA PHE A 255 -8.64 -16.99 3.98
C PHE A 255 -7.91 -17.70 5.11
N PHE A 256 -8.62 -18.12 6.16
CA PHE A 256 -7.96 -18.73 7.31
C PHE A 256 -7.41 -20.12 7.05
N SER A 257 -8.00 -20.89 6.13
CA SER A 257 -7.37 -22.13 5.65
C SER A 257 -6.06 -21.83 4.96
N GLN A 258 -6.03 -20.73 4.25
CA GLN A 258 -4.78 -20.39 3.59
C GLN A 258 -3.72 -20.05 4.65
N GLY A 259 -4.08 -19.20 5.62
CA GLY A 259 -3.15 -18.86 6.72
C GLY A 259 -2.58 -20.09 7.41
N ASP A 260 -3.48 -21.00 7.78
CA ASP A 260 -3.13 -22.28 8.40
C ASP A 260 -2.09 -23.03 7.57
N LEU A 261 -2.32 -23.16 6.26
CA LEU A 261 -1.38 -23.89 5.41
C LEU A 261 -0.04 -23.19 5.32
N GLU A 262 -0.04 -21.87 5.34
CA GLU A 262 1.20 -21.09 5.28
C GLU A 262 2.04 -21.23 6.55
N LYS A 263 1.39 -21.30 7.72
CA LYS A 263 2.12 -21.51 8.97
C LYS A 263 2.83 -22.86 8.89
N ALA A 264 2.07 -23.89 8.52
CA ALA A 264 2.58 -25.25 8.31
C ALA A 264 3.85 -25.24 7.44
N MET A 265 3.80 -24.41 6.41
CA MET A 265 4.91 -24.22 5.47
C MET A 265 6.07 -23.40 6.08
N GLY A 266 5.83 -22.79 7.24
CA GLY A 266 6.84 -22.02 7.93
C GLY A 266 6.89 -20.55 7.52
N ASN A 267 5.74 -20.00 7.13
CA ASN A 267 5.66 -18.59 6.75
C ASN A 267 4.61 -17.89 7.59
N ARG A 268 4.75 -16.56 7.68
CA ARG A 268 3.79 -15.69 8.33
C ARG A 268 2.78 -15.17 7.32
N PRO A 269 1.51 -15.62 7.41
CA PRO A 269 0.51 -15.09 6.50
C PRO A 269 0.16 -13.65 6.87
N MET A 270 -0.55 -12.98 5.98
CA MET A 270 -0.98 -11.62 6.25
C MET A 270 -1.99 -11.63 7.37
N GLU A 271 -2.07 -10.52 8.08
CA GLU A 271 -2.96 -10.38 9.22
C GLU A 271 -4.35 -10.93 8.87
N MET A 272 -4.84 -10.51 7.70
CA MET A 272 -6.14 -10.93 7.20
C MET A 272 -6.24 -12.45 6.90
N MET A 273 -5.11 -13.11 6.71
CA MET A 273 -5.05 -14.55 6.43
C MET A 273 -4.82 -15.40 7.70
N ASP A 274 -4.34 -14.75 8.77
CA ASP A 274 -3.95 -15.42 10.01
C ASP A 274 -5.03 -15.30 11.08
N ARG A 275 -5.62 -16.43 11.45
CA ARG A 275 -6.81 -16.48 12.29
C ARG A 275 -6.57 -16.14 13.75
N GLU A 276 -5.33 -15.89 14.12
CA GLU A 276 -4.97 -15.53 15.49
C GLU A 276 -4.72 -14.04 15.61
N LYS A 277 -4.62 -13.37 14.47
CA LYS A 277 -4.45 -11.91 14.37
C LYS A 277 -5.62 -11.22 13.67
N ALA A 278 -6.26 -11.89 12.72
CA ALA A 278 -7.38 -11.30 12.00
C ALA A 278 -8.41 -10.75 12.97
N TYR A 279 -8.56 -9.42 12.99
CA TYR A 279 -9.71 -8.78 13.60
C TYR A 279 -10.68 -8.39 12.48
N ILE A 280 -11.71 -9.22 12.32
CA ILE A 280 -12.68 -9.12 11.21
C ILE A 280 -13.35 -7.74 11.04
N PRO A 281 -13.78 -7.12 12.14
CA PRO A 281 -14.38 -5.78 12.04
C PRO A 281 -13.49 -4.73 11.37
N GLU A 282 -12.27 -4.57 11.88
CA GLU A 282 -11.32 -3.62 11.29
C GLU A 282 -11.10 -3.95 9.82
N LEU A 283 -10.82 -5.22 9.53
CA LEU A 283 -10.53 -5.66 8.16
C LEU A 283 -11.71 -5.39 7.21
N GLN A 284 -12.95 -5.63 7.67
CA GLN A 284 -14.12 -5.35 6.86
C GLN A 284 -14.33 -3.86 6.62
N ILE A 285 -14.26 -3.09 7.70
CA ILE A 285 -14.34 -1.62 7.60
C ILE A 285 -13.35 -1.09 6.56
N SER A 286 -12.08 -1.47 6.71
CA SER A 286 -11.02 -0.97 5.85
C SER A 286 -11.31 -1.33 4.39
N PHE A 287 -11.75 -2.57 4.19
CA PHE A 287 -12.14 -3.01 2.87
C PHE A 287 -13.33 -2.19 2.35
N MET A 288 -14.32 -1.93 3.20
CA MET A 288 -15.51 -1.20 2.74
C MET A 288 -15.15 0.24 2.39
N GLU A 289 -14.40 0.88 3.28
CA GLU A 289 -14.06 2.29 3.15
C GLU A 289 -13.12 2.59 1.99
N HIS A 290 -12.06 1.81 1.88
CA HIS A 290 -10.92 2.20 1.04
C HIS A 290 -10.75 1.41 -0.24
N ILE A 291 -11.42 0.28 -0.35
CA ILE A 291 -11.40 -0.48 -1.59
C ILE A 291 -12.75 -0.35 -2.25
N ALA A 292 -13.78 -0.82 -1.55
CA ALA A 292 -15.07 -1.04 -2.17
C ALA A 292 -15.91 0.22 -2.39
N MET A 293 -15.91 1.16 -1.44
CA MET A 293 -16.73 2.39 -1.60
C MET A 293 -16.22 3.30 -2.70
N PRO A 294 -14.90 3.52 -2.76
CA PRO A 294 -14.32 4.32 -3.85
C PRO A 294 -14.53 3.73 -5.25
N ILE A 295 -14.72 2.40 -5.30
CA ILE A 295 -15.05 1.73 -6.54
C ILE A 295 -16.45 2.17 -6.97
N TYR A 296 -17.39 2.15 -6.03
CA TYR A 296 -18.77 2.53 -6.36
C TYR A 296 -18.98 4.06 -6.41
N LYS A 297 -18.07 4.82 -5.79
CA LYS A 297 -18.04 6.28 -5.97
C LYS A 297 -17.71 6.61 -7.42
N LEU A 298 -16.64 6.01 -7.94
CA LEU A 298 -16.31 6.09 -9.37
C LEU A 298 -17.44 5.58 -10.27
N LEU A 299 -18.20 4.60 -9.81
CA LEU A 299 -19.31 4.08 -10.58
C LEU A 299 -20.44 5.10 -10.63
N GLN A 300 -20.72 5.73 -9.48
CA GLN A 300 -21.72 6.80 -9.37
C GLN A 300 -21.35 8.03 -10.23
N ASP A 301 -20.12 8.51 -10.09
CA ASP A 301 -19.61 9.62 -10.92
C ASP A 301 -19.76 9.36 -12.43
N LEU A 302 -19.55 8.12 -12.84
CA LEU A 302 -19.73 7.73 -14.24
C LEU A 302 -21.20 7.49 -14.59
N PHE A 303 -22.01 7.10 -13.60
CA PHE A 303 -23.44 6.82 -13.80
C PHE A 303 -24.28 7.27 -12.60
N PRO A 304 -25.10 8.33 -12.77
CA PRO A 304 -25.90 8.79 -11.62
C PRO A 304 -26.91 7.77 -11.06
N LYS A 305 -27.43 6.86 -11.87
CA LYS A 305 -28.38 5.83 -11.36
C LYS A 305 -27.68 4.75 -10.53
N ALA A 306 -26.34 4.76 -10.53
CA ALA A 306 -25.54 3.85 -9.71
C ALA A 306 -25.40 4.33 -8.26
N ALA A 307 -26.10 5.41 -7.90
CA ALA A 307 -25.94 6.06 -6.61
C ALA A 307 -26.38 5.17 -5.42
N GLU A 308 -27.48 4.44 -5.58
CA GLU A 308 -27.99 3.56 -4.52
C GLU A 308 -26.99 2.49 -4.11
N LEU A 309 -26.21 2.01 -5.07
CA LEU A 309 -25.20 1.00 -4.81
C LEU A 309 -24.11 1.53 -3.90
N TYR A 310 -23.70 2.78 -4.13
CA TYR A 310 -22.79 3.46 -3.22
C TYR A 310 -23.40 3.56 -1.83
N GLU A 311 -24.62 4.08 -1.77
CA GLU A 311 -25.38 4.19 -0.50
C GLU A 311 -25.54 2.83 0.21
N ARG A 312 -25.67 1.75 -0.57
CA ARG A 312 -25.84 0.42 0.03
C ARG A 312 -24.55 -0.15 0.66
N VAL A 313 -23.41 0.13 0.03
CA VAL A 313 -22.11 -0.27 0.58
C VAL A 313 -21.76 0.60 1.80
N ALA A 314 -22.07 1.89 1.74
CA ALA A 314 -21.82 2.78 2.89
C ALA A 314 -22.69 2.41 4.10
N SER A 315 -23.93 1.99 3.86
CA SER A 315 -24.79 1.46 4.94
C SER A 315 -24.10 0.31 5.63
N ASN A 316 -23.66 -0.66 4.83
CA ASN A 316 -22.94 -1.83 5.32
C ASN A 316 -21.62 -1.44 5.99
N ARG A 317 -20.92 -0.46 5.43
CA ARG A 317 -19.71 0.08 6.09
C ARG A 317 -19.99 0.66 7.49
N GLU A 318 -21.15 1.28 7.66
CA GLU A 318 -21.52 1.88 8.93
C GLU A 318 -22.04 0.82 9.88
N HIS A 319 -22.63 -0.24 9.33
CA HIS A 319 -23.23 -1.28 10.18
C HIS A 319 -22.21 -2.21 10.88
N TRP A 320 -21.04 -2.40 10.29
CA TRP A 320 -19.96 -3.18 10.93
C TRP A 320 -19.44 -2.43 12.16
N THR A 321 -19.25 -1.12 12.05
CA THR A 321 -18.94 -0.26 13.21
C THR A 321 -20.04 -0.38 14.27
N LYS A 322 -21.31 -0.49 13.84
CA LYS A 322 -22.41 -0.73 14.76
C LYS A 322 -22.31 -2.10 15.46
N VAL A 323 -21.50 -3.02 14.96
CA VAL A 323 -21.46 -4.38 15.52
C VAL A 323 -20.06 -4.87 15.96
N SER A 324 -19.04 -4.02 15.81
CA SER A 324 -17.68 -4.44 16.14
C SER A 324 -17.51 -4.66 17.63
N HIS A 325 -18.11 -3.77 18.43
CA HIS A 325 -18.11 -3.92 19.90
C HIS A 325 -18.37 -5.38 20.27
N LYS A 326 -19.19 -6.06 19.48
CA LYS A 326 -19.53 -7.46 19.72
C LYS A 326 -18.33 -8.44 19.67
N PHE A 327 -17.21 -8.03 19.07
CA PHE A 327 -16.04 -8.92 18.98
C PHE A 327 -15.12 -8.86 20.20
N THR A 328 -15.46 -8.04 21.19
CA THR A 328 -14.77 -8.05 22.49
C THR A 328 -15.63 -8.91 23.41
N ILE A 329 -15.04 -9.91 24.06
CA ILE A 329 -15.81 -10.81 24.90
C ILE A 329 -16.16 -10.11 26.22
N ARG A 330 -17.46 -9.91 26.45
CA ARG A 330 -17.99 -9.27 27.64
C ARG A 330 -18.86 -10.26 28.38
N GLY A 331 -18.56 -10.48 29.66
CA GLY A 331 -19.14 -11.60 30.40
C GLY A 331 -18.28 -12.82 30.18
N LEU A 332 -18.90 -13.99 30.04
CA LEU A 332 -18.19 -15.23 29.76
C LEU A 332 -18.50 -15.66 28.33
N PRO A 333 -17.66 -16.51 27.72
CA PRO A 333 -17.89 -16.96 26.34
C PRO A 333 -19.29 -17.54 26.09
N ASN A 335 -21.53 -20.04 26.55
CA ASN A 335 -20.56 -21.08 26.90
C ASN A 335 -20.25 -21.20 28.41
N ASN A 336 -20.24 -20.06 29.10
CA ASN A 336 -20.04 -20.00 30.56
C ASN A 336 -18.69 -20.58 31.09
N SER A 337 -17.64 -20.61 30.26
CA SER A 337 -16.34 -21.16 30.68
C SER A 337 -15.11 -20.31 30.27
N LEU A 338 -14.08 -20.29 31.12
CA LEU A 338 -12.84 -19.57 30.83
C LEU A 338 -11.69 -20.51 30.51
N ASP A 339 -12.00 -21.80 30.35
CA ASP A 339 -10.98 -22.81 30.08
C ASP A 339 -10.18 -22.49 28.81
N PHE A 340 -10.74 -21.65 27.95
CA PHE A 340 -10.07 -21.19 26.72
C PHE A 340 -8.80 -20.33 26.93
N LEU A 341 -8.49 -19.97 28.17
CA LEU A 341 -7.28 -19.22 28.49
C LEU A 341 -6.14 -20.18 28.77
N ASP B 5 9.71 -14.88 0.76
CA ASP B 5 8.24 -14.97 0.96
C ASP B 5 7.60 -13.67 1.44
N GLU B 6 8.37 -12.80 2.09
CA GLU B 6 7.92 -11.41 2.28
C GLU B 6 7.91 -10.70 0.93
N TYR B 7 8.87 -11.05 0.05
CA TYR B 7 8.94 -10.58 -1.34
C TYR B 7 7.76 -11.02 -2.19
N THR B 8 7.42 -12.31 -2.07
CA THR B 8 6.29 -12.92 -2.78
C THR B 8 4.99 -12.14 -2.55
N LYS B 9 4.69 -11.89 -1.27
CA LYS B 9 3.46 -11.19 -0.84
C LYS B 9 3.42 -9.75 -1.33
N LEU B 10 4.54 -9.06 -1.16
CA LEU B 10 4.62 -7.65 -1.45
C LEU B 10 4.46 -7.38 -2.94
N LEU B 11 4.94 -8.32 -3.75
CA LEU B 11 4.83 -8.21 -5.20
C LEU B 11 3.44 -8.61 -5.75
N HIS B 12 2.89 -9.73 -5.28
CA HIS B 12 1.69 -10.30 -5.88
C HIS B 12 0.35 -9.85 -5.24
N ASP B 13 0.39 -9.40 -3.98
CA ASP B 13 -0.86 -9.07 -3.25
C ASP B 13 -1.48 -7.74 -3.68
N GLY B 14 -0.65 -6.81 -4.11
CA GLY B 14 -1.14 -5.50 -4.50
C GLY B 14 -0.86 -4.49 -3.41
N ILE B 15 -1.06 -3.23 -3.76
CA ILE B 15 -0.67 -2.13 -2.92
C ILE B 15 -1.93 -1.57 -2.28
N GLN B 16 -2.03 -1.65 -0.97
CA GLN B 16 -3.12 -1.00 -0.24
C GLN B 16 -3.14 0.51 -0.54
N PRO B 17 -4.35 1.10 -0.65
CA PRO B 17 -4.47 2.55 -0.74
C PRO B 17 -3.95 3.19 0.53
N VAL B 18 -3.28 4.32 0.42
CA VAL B 18 -2.60 4.93 1.59
C VAL B 18 -3.54 5.01 2.79
N ALA B 19 -4.75 5.53 2.54
CA ALA B 19 -5.75 5.73 3.59
C ALA B 19 -6.05 4.47 4.41
N ALA B 20 -5.92 3.30 3.81
CA ALA B 20 -6.19 2.03 4.50
C ALA B 20 -5.18 1.70 5.59
N ILE B 21 -3.93 2.17 5.42
CA ILE B 21 -2.80 1.72 6.25
C ILE B 21 -2.99 2.16 7.70
N ASP B 22 -3.48 3.38 7.87
CA ASP B 22 -4.12 3.84 9.10
C ASP B 22 -4.92 5.14 8.86
N SER B 23 -5.83 5.45 9.78
CA SER B 23 -6.80 6.51 9.60
C SER B 23 -6.15 7.90 9.52
N ASN B 24 -5.10 8.13 10.31
CA ASN B 24 -4.43 9.44 10.40
C ASN B 24 -3.19 9.51 9.52
N PHE B 25 -2.93 8.47 8.74
CA PHE B 25 -1.60 8.23 8.17
C PHE B 25 -0.93 9.45 7.52
N ALA B 26 -1.72 10.31 6.91
CA ALA B 26 -1.19 11.48 6.21
C ALA B 26 -1.16 12.78 7.03
N SER B 27 -1.44 12.71 8.33
CA SER B 27 -1.43 13.90 9.20
C SER B 27 -0.10 14.08 9.96
N PHE B 28 0.16 15.32 10.35
CA PHE B 28 1.37 15.67 11.08
C PHE B 28 1.42 15.16 12.52
N THR B 29 0.31 14.62 13.01
CA THR B 29 0.25 14.05 14.36
C THR B 29 0.38 12.52 14.36
N TYR B 30 0.22 11.90 13.20
CA TYR B 30 0.46 10.46 13.08
C TYR B 30 1.90 10.15 13.50
N THR B 31 2.08 9.17 14.37
CA THR B 31 3.41 8.73 14.77
C THR B 31 3.74 7.44 14.02
N PRO B 32 4.64 7.51 13.02
CA PRO B 32 4.87 6.38 12.12
C PRO B 32 5.41 5.14 12.80
N ARG B 33 6.01 5.30 13.98
CA ARG B 33 6.40 4.14 14.78
C ARG B 33 5.17 3.37 15.32
N SER B 34 3.98 3.97 15.22
CA SER B 34 2.74 3.24 15.50
C SER B 34 2.48 2.07 14.56
N LEU B 35 3.10 2.06 13.36
CA LEU B 35 2.87 0.97 12.40
C LEU B 35 3.73 -0.25 12.71
N PRO B 36 3.12 -1.45 12.63
CA PRO B 36 3.90 -2.68 12.79
C PRO B 36 5.06 -2.75 11.79
N GLU B 37 6.27 -3.03 12.27
CA GLU B 37 7.42 -3.14 11.36
C GLU B 37 7.09 -4.00 10.12
N ASP B 38 6.27 -5.03 10.34
CA ASP B 38 5.73 -5.92 9.30
C ASP B 38 4.94 -5.21 8.18
N ASP B 39 4.28 -4.10 8.51
CA ASP B 39 3.42 -3.39 7.55
C ASP B 39 4.13 -2.22 6.82
N THR B 40 5.41 -2.00 7.10
CA THR B 40 6.09 -0.78 6.68
C THR B 40 6.47 -0.76 5.21
N SER B 41 7.02 -1.87 4.72
CA SER B 41 7.40 -2.00 3.30
C SER B 41 6.21 -1.77 2.36
N MET B 42 5.02 -2.20 2.79
CA MET B 42 3.82 -1.98 1.99
C MET B 42 3.50 -0.48 1.97
N ALA B 43 3.64 0.16 3.13
CA ALA B 43 3.39 1.58 3.27
C ALA B 43 4.33 2.38 2.36
N ILE B 44 5.55 1.91 2.20
CA ILE B 44 6.49 2.53 1.27
C ILE B 44 5.87 2.54 -0.14
N LEU B 45 5.28 1.43 -0.56
CA LEU B 45 4.69 1.34 -1.89
C LEU B 45 3.42 2.18 -2.00
N SER B 46 2.59 2.15 -0.95
CA SER B 46 1.40 3.02 -0.91
C SER B 46 1.79 4.50 -1.02
N MET B 47 2.75 4.91 -0.20
CA MET B 47 3.20 6.29 -0.24
C MET B 47 3.78 6.60 -1.61
N LEU B 48 4.51 5.65 -2.20
CA LEU B 48 5.03 5.86 -3.56
C LEU B 48 3.89 5.90 -4.59
N GLN B 49 2.91 5.00 -4.46
CA GLN B 49 1.74 5.00 -5.35
C GLN B 49 1.05 6.35 -5.24
N ASP B 50 0.72 6.77 -4.02
CA ASP B 50 0.01 8.02 -3.78
C ASP B 50 0.76 9.29 -4.22
N MET B 51 2.09 9.23 -4.27
CA MET B 51 2.87 10.35 -4.77
C MET B 51 3.06 10.33 -6.30
N ASN B 52 2.45 9.32 -6.92
CA ASN B 52 2.32 9.19 -8.37
C ASN B 52 3.65 9.03 -9.12
N PHE B 53 4.70 8.66 -8.39
CA PHE B 53 6.01 8.39 -8.98
C PHE B 53 6.04 7.04 -9.69
N ILE B 54 5.26 6.08 -9.18
CA ILE B 54 5.11 4.78 -9.81
C ILE B 54 4.62 4.94 -11.27
N ASN B 55 3.72 5.91 -11.48
CA ASN B 55 3.25 6.28 -12.82
C ASN B 55 4.31 7.07 -13.59
N ASN B 56 4.54 8.33 -13.21
CA ASN B 56 5.41 9.25 -13.99
C ASN B 56 6.62 8.51 -14.51
N TYR B 57 7.18 7.63 -13.67
CA TYR B 57 8.45 6.99 -13.97
C TYR B 57 8.37 5.53 -14.44
N LYS B 58 7.16 4.95 -14.38
CA LYS B 58 6.91 3.57 -14.82
C LYS B 58 7.84 2.58 -14.13
N ILE B 59 7.69 2.46 -12.82
CA ILE B 59 8.57 1.58 -12.06
C ILE B 59 8.06 0.16 -12.19
N ASP B 60 8.99 -0.78 -12.34
CA ASP B 60 8.65 -2.18 -12.43
C ASP B 60 8.31 -2.67 -11.04
N CYS B 61 7.07 -3.12 -10.88
CA CYS B 61 6.53 -3.56 -9.62
C CYS B 61 7.39 -4.63 -8.91
N PRO B 62 7.85 -5.67 -9.65
CA PRO B 62 8.76 -6.63 -8.99
C PRO B 62 10.10 -6.03 -8.56
N THR B 63 10.69 -5.20 -9.40
CA THR B 63 11.93 -4.49 -9.06
C THR B 63 11.76 -3.57 -7.85
N LEU B 64 10.69 -2.76 -7.82
CA LEU B 64 10.40 -1.90 -6.67
C LEU B 64 10.12 -2.69 -5.41
N ALA B 65 9.51 -3.86 -5.58
CA ALA B 65 9.25 -4.76 -4.47
C ALA B 65 10.55 -5.24 -3.85
N ARG B 66 11.54 -5.61 -4.67
CA ARG B 66 12.81 -6.15 -4.16
C ARG B 66 13.69 -5.07 -3.56
N PHE B 67 13.72 -3.92 -4.22
CA PHE B 67 14.42 -2.73 -3.73
C PHE B 67 14.00 -2.36 -2.30
N CYS B 68 12.72 -2.04 -2.10
CA CYS B 68 12.19 -1.71 -0.78
C CYS B 68 12.64 -2.70 0.28
N LEU B 69 12.48 -3.99 0.00
CA LEU B 69 12.85 -5.06 0.93
C LEU B 69 14.34 -5.20 1.13
N MET B 70 15.11 -4.89 0.09
CA MET B 70 16.56 -4.88 0.23
C MET B 70 17.02 -3.70 1.09
N VAL B 71 16.39 -2.53 0.95
CA VAL B 71 16.65 -1.37 1.79
C VAL B 71 16.46 -1.75 3.26
N LYS B 72 15.24 -2.19 3.61
CA LYS B 72 14.92 -2.66 4.97
C LYS B 72 15.95 -3.61 5.56
N LYS B 73 16.34 -4.63 4.79
CA LYS B 73 17.29 -5.65 5.27
C LYS B 73 18.76 -5.18 5.27
N GLY B 74 19.02 -4.02 4.68
CA GLY B 74 20.35 -3.40 4.72
C GLY B 74 20.53 -2.51 5.93
N TYR B 75 19.48 -2.37 6.72
CA TYR B 75 19.58 -1.71 8.02
C TYR B 75 19.80 -2.76 9.09
N ARG B 76 20.68 -2.44 10.04
CA ARG B 76 20.89 -3.31 11.17
C ARG B 76 19.91 -2.88 12.26
N ASP B 77 20.08 -3.36 13.49
CA ASP B 77 19.22 -2.90 14.56
C ASP B 77 20.02 -2.38 15.75
N PRO B 78 20.69 -1.22 15.57
CA PRO B 78 21.11 -0.48 16.75
C PRO B 78 19.85 0.13 17.32
N PRO B 79 19.94 0.71 18.53
CA PRO B 79 18.70 1.06 19.19
C PRO B 79 17.93 2.17 18.48
N TYR B 80 18.62 3.08 17.78
CA TYR B 80 17.95 4.17 17.08
C TYR B 80 18.04 4.10 15.56
N HIS B 81 19.26 4.05 15.05
CA HIS B 81 19.52 4.13 13.61
C HIS B 81 19.25 2.81 12.93
N ASN B 82 17.99 2.40 12.98
CA ASN B 82 17.55 1.12 12.45
C ASN B 82 16.56 1.41 11.32
N TRP B 83 15.91 0.38 10.77
CA TRP B 83 15.00 0.61 9.64
C TRP B 83 13.76 1.44 10.03
N MET B 84 13.35 1.38 11.29
CA MET B 84 12.16 2.12 11.70
C MET B 84 12.41 3.62 11.68
N HIS B 85 13.62 4.04 12.03
CA HIS B 85 14.05 5.44 11.82
C HIS B 85 13.82 5.78 10.36
N ALA B 86 14.46 5.01 9.48
CA ALA B 86 14.36 5.25 8.03
C ALA B 86 12.91 5.38 7.61
N PHE B 87 12.09 4.44 8.07
CA PHE B 87 10.69 4.44 7.73
C PHE B 87 10.05 5.74 8.19
N SER B 88 10.32 6.11 9.44
CA SER B 88 9.68 7.27 10.03
C SER B 88 10.07 8.54 9.27
N VAL B 89 11.34 8.59 8.87
CA VAL B 89 11.88 9.71 8.10
C VAL B 89 11.24 9.84 6.72
N SER B 90 11.06 8.70 6.05
CA SER B 90 10.49 8.63 4.72
C SER B 90 9.02 8.95 4.80
N HIS B 91 8.36 8.41 5.83
CA HIS B 91 7.00 8.80 6.14
C HIS B 91 6.87 10.33 6.30
N PHE B 92 7.82 10.95 7.00
CA PHE B 92 7.74 12.41 7.18
C PHE B 92 7.84 13.12 5.84
N CYS B 93 8.71 12.63 4.97
CA CYS B 93 8.85 13.23 3.63
C CYS B 93 7.51 13.20 2.90
N TYR B 94 6.80 12.08 3.06
CA TYR B 94 5.46 11.90 2.54
C TYR B 94 4.50 12.94 3.11
N LEU B 95 4.53 13.11 4.43
CA LEU B 95 3.76 14.16 5.10
C LEU B 95 4.02 15.54 4.49
N LEU B 96 5.30 15.89 4.29
CA LEU B 96 5.66 17.18 3.70
C LEU B 96 5.11 17.32 2.29
N TYR B 97 5.06 16.22 1.54
CA TYR B 97 4.59 16.30 0.15
C TYR B 97 3.07 16.45 0.12
N LYS B 98 2.38 15.84 1.10
CA LYS B 98 0.92 15.91 1.19
C LYS B 98 0.43 17.18 1.87
N ASN B 99 1.14 17.64 2.90
CA ASN B 99 0.71 18.77 3.72
C ASN B 99 1.25 20.15 3.28
N LEU B 100 2.44 20.20 2.71
CA LEU B 100 3.06 21.47 2.30
C LEU B 100 3.03 21.64 0.79
N GLU B 101 2.60 20.60 0.09
CA GLU B 101 2.37 20.70 -1.33
C GLU B 101 3.68 21.06 -2.04
N LEU B 102 4.65 20.13 -1.95
CA LEU B 102 6.02 20.34 -2.43
C LEU B 102 6.13 20.44 -3.94
N THR B 103 5.06 20.11 -4.65
CA THR B 103 5.02 20.19 -6.11
C THR B 103 5.12 21.62 -6.64
N ASN B 104 4.80 22.63 -5.82
CA ASN B 104 4.96 24.05 -6.18
C ASN B 104 6.42 24.54 -6.09
N TYR B 105 7.23 23.83 -5.32
CA TYR B 105 8.57 24.30 -5.01
C TYR B 105 9.63 23.51 -5.75
N LEU B 106 9.36 22.23 -6.02
CA LEU B 106 10.41 21.32 -6.48
C LEU B 106 10.07 20.57 -7.79
N GLU B 107 11.12 20.15 -8.49
CA GLU B 107 10.99 19.27 -9.63
C GLU B 107 10.49 17.89 -9.19
N ASP B 108 9.66 17.31 -10.03
CA ASP B 108 9.11 15.97 -9.83
C ASP B 108 10.25 14.99 -9.52
N ILE B 109 11.33 15.06 -10.29
CA ILE B 109 12.49 14.19 -10.04
C ILE B 109 13.18 14.47 -8.67
N GLU B 110 13.07 15.70 -8.16
CA GLU B 110 13.72 16.06 -6.89
C GLU B 110 12.96 15.49 -5.70
N ILE B 111 11.65 15.70 -5.66
CA ILE B 111 10.84 15.14 -4.59
C ILE B 111 11.04 13.63 -4.53
N PHE B 112 11.11 12.99 -5.68
CA PHE B 112 11.35 11.55 -5.76
C PHE B 112 12.74 11.15 -5.23
N ALA B 113 13.75 11.96 -5.53
CA ALA B 113 15.10 11.74 -5.01
C ALA B 113 15.11 11.83 -3.49
N LEU B 114 14.33 12.77 -2.95
CA LEU B 114 14.25 12.99 -1.53
C LEU B 114 13.68 11.79 -0.83
N PHE B 115 12.55 11.29 -1.33
CA PHE B 115 11.89 10.15 -0.70
C PHE B 115 12.80 8.95 -0.73
N ILE B 116 13.31 8.60 -1.90
CA ILE B 116 14.23 7.47 -1.98
C ILE B 116 15.46 7.65 -1.10
N SER B 117 15.99 8.86 -1.08
CA SER B 117 17.11 9.17 -0.20
C SER B 117 16.72 8.96 1.29
N CYS B 118 15.47 9.23 1.65
CA CYS B 118 15.02 9.04 3.04
C CYS B 118 14.99 7.57 3.41
N MET B 119 14.58 6.71 2.49
CA MET B 119 14.58 5.27 2.71
C MET B 119 16.00 4.79 3.00
N CYS B 120 16.96 5.31 2.23
CA CYS B 120 18.34 4.79 2.17
C CYS B 120 19.37 5.51 3.02
N HIS B 121 19.02 6.64 3.62
CA HIS B 121 20.04 7.60 4.16
C HIS B 121 20.87 7.12 5.36
N ASP B 122 20.47 6.04 6.00
CA ASP B 122 21.25 5.53 7.15
C ASP B 122 21.58 4.05 6.97
N LEU B 123 21.63 3.56 5.73
CA LEU B 123 21.85 2.12 5.45
C LEU B 123 23.11 1.56 6.10
N ASP B 124 22.98 0.39 6.72
CA ASP B 124 24.08 -0.28 7.40
C ASP B 124 24.78 0.59 8.50
N HIS B 125 24.01 1.44 9.19
CA HIS B 125 24.52 2.17 10.36
C HIS B 125 24.86 1.15 11.46
N ARG B 126 26.01 1.31 12.11
CA ARG B 126 26.45 0.33 13.11
C ARG B 126 26.23 0.80 14.55
N GLY B 127 25.46 1.86 14.74
CA GLY B 127 25.31 2.50 16.05
C GLY B 127 26.43 3.46 16.43
N THR B 128 27.36 3.71 15.52
CA THR B 128 28.51 4.58 15.79
C THR B 128 28.56 5.74 14.78
N ASN B 129 29.09 6.89 15.22
CA ASN B 129 29.09 8.08 14.37
C ASN B 129 30.39 8.27 13.62
N ASN B 130 30.56 9.47 13.06
CA ASN B 130 31.71 9.84 12.23
C ASN B 130 32.99 10.06 13.04
N SER B 131 32.83 10.60 14.25
CA SER B 131 33.99 10.81 15.09
C SER B 131 34.56 9.47 15.56
N PHE B 132 33.71 8.49 15.83
CA PHE B 132 34.16 7.14 16.14
C PHE B 132 34.99 6.57 15.00
N GLN B 133 34.39 6.45 13.82
CA GLN B 133 35.11 5.86 12.68
C GLN B 133 36.51 6.48 12.55
N VAL B 134 36.56 7.82 12.44
CA VAL B 134 37.82 8.55 12.26
C VAL B 134 38.80 8.35 13.43
N ALA B 135 38.31 8.45 14.66
CA ALA B 135 39.16 8.31 15.85
C ALA B 135 39.62 6.87 16.07
N SER B 136 38.74 5.90 15.78
CA SER B 136 39.10 4.47 15.88
C SER B 136 39.82 3.96 14.62
N LYS B 137 39.86 4.79 13.59
CA LYS B 137 40.50 4.46 12.32
C LYS B 137 40.01 3.08 11.83
N SER B 138 38.70 3.03 11.61
CA SER B 138 38.00 1.84 11.14
C SER B 138 38.14 1.70 9.63
N VAL B 139 37.72 0.54 9.13
CA VAL B 139 37.68 0.25 7.70
C VAL B 139 36.97 1.35 6.92
N LEU B 140 35.84 1.82 7.44
CA LEU B 140 35.05 2.85 6.75
C LEU B 140 35.80 4.19 6.66
N ALA B 141 36.48 4.57 7.73
CA ALA B 141 37.30 5.77 7.71
C ALA B 141 38.35 5.60 6.62
N ALA B 142 39.06 4.46 6.63
CA ALA B 142 40.05 4.12 5.57
C ALA B 142 39.49 4.43 4.22
N LEU B 143 38.31 3.87 3.93
CA LEU B 143 37.55 4.17 2.73
C LEU B 143 37.34 5.68 2.53
N TYR B 144 36.72 6.32 3.51
CA TYR B 144 36.11 7.65 3.29
C TYR B 144 36.88 8.80 3.93
N SER B 145 37.27 8.65 5.20
CA SER B 145 38.27 9.51 5.92
C SER B 145 38.68 10.83 5.30
N SER B 146 39.16 10.78 4.06
CA SER B 146 39.69 11.96 3.37
C SER B 146 38.65 13.08 3.16
N GLU B 147 37.36 12.76 3.20
CA GLU B 147 36.30 13.66 2.70
C GLU B 147 35.31 14.22 3.74
N GLY B 148 35.39 13.77 4.98
CA GLY B 148 34.35 14.09 5.97
C GLY B 148 33.09 13.32 5.64
N SER B 149 32.13 13.34 6.55
CA SER B 149 30.88 12.62 6.36
C SER B 149 31.07 11.14 6.00
N VAL B 150 31.84 10.43 6.82
CA VAL B 150 32.18 9.04 6.56
C VAL B 150 30.96 8.08 6.50
N MET B 151 30.11 8.12 7.51
CA MET B 151 28.92 7.26 7.53
C MET B 151 27.95 7.55 6.39
N GLU B 152 27.84 8.82 6.00
CA GLU B 152 26.89 9.22 4.97
C GLU B 152 27.35 8.70 3.57
N ARG B 153 28.64 8.85 3.29
CA ARG B 153 29.24 8.29 2.06
C ARG B 153 29.09 6.79 1.98
N HIS B 154 29.19 6.14 3.13
CA HIS B 154 28.93 4.70 3.24
C HIS B 154 27.46 4.38 2.97
N HIS B 155 26.54 5.19 3.53
CA HIS B 155 25.12 4.96 3.34
C HIS B 155 24.76 5.12 1.86
N PHE B 156 25.33 6.12 1.22
CA PHE B 156 25.22 6.28 -0.23
C PHE B 156 25.78 5.05 -0.99
N ALA B 157 26.94 4.57 -0.55
CA ALA B 157 27.61 3.44 -1.22
C ALA B 157 26.69 2.24 -1.17
N GLN B 158 26.16 1.98 0.02
CA GLN B 158 25.19 0.93 0.21
C GLN B 158 23.96 1.10 -0.70
N ALA B 159 23.53 2.35 -0.91
CA ALA B 159 22.35 2.61 -1.72
C ALA B 159 22.63 2.19 -3.17
N ILE B 160 23.75 2.67 -3.68
CA ILE B 160 24.22 2.30 -5.00
C ILE B 160 24.35 0.77 -5.15
N ALA B 161 24.91 0.08 -4.15
CA ALA B 161 25.11 -1.36 -4.23
C ALA B 161 23.79 -2.15 -4.29
N ILE B 162 22.70 -1.56 -3.82
CA ILE B 162 21.38 -2.19 -3.91
C ILE B 162 20.77 -1.96 -5.28
N LEU B 163 20.93 -0.73 -5.80
CA LEU B 163 20.35 -0.38 -7.08
C LEU B 163 20.92 -1.24 -8.20
N ASN B 164 22.22 -1.52 -8.11
CA ASN B 164 22.92 -2.28 -9.13
C ASN B 164 22.89 -3.79 -8.88
N THR B 165 22.18 -4.22 -7.84
CA THR B 165 21.93 -5.65 -7.60
C THR B 165 20.81 -6.06 -8.56
N HIS B 166 21.02 -7.19 -9.25
CA HIS B 166 20.09 -7.66 -10.27
C HIS B 166 18.70 -7.74 -9.66
N GLY B 167 17.71 -7.19 -10.36
CA GLY B 167 16.32 -7.23 -9.92
C GLY B 167 15.97 -6.12 -8.93
N CYS B 168 16.90 -5.20 -8.68
CA CYS B 168 16.66 -4.10 -7.72
C CYS B 168 16.74 -2.67 -8.31
N ASN B 169 17.07 -2.53 -9.59
CA ASN B 169 17.28 -1.19 -10.16
C ASN B 169 16.00 -0.47 -10.56
N ILE B 170 15.34 0.15 -9.59
CA ILE B 170 14.15 0.95 -9.86
C ILE B 170 14.38 2.17 -10.76
N PHE B 171 15.62 2.39 -11.19
CA PHE B 171 15.91 3.38 -12.22
C PHE B 171 16.38 2.70 -13.52
N ASP B 172 15.86 1.50 -13.80
CA ASP B 172 16.33 0.72 -14.95
C ASP B 172 15.92 1.38 -16.27
N HIS B 173 14.86 2.18 -16.17
CA HIS B 173 14.08 2.67 -17.30
C HIS B 173 14.12 4.19 -17.37
N PHE B 174 15.04 4.82 -16.66
CA PHE B 174 15.19 6.26 -16.72
C PHE B 174 16.01 6.57 -17.95
N SER B 175 15.79 7.74 -18.53
CA SER B 175 16.67 8.23 -19.56
C SER B 175 18.06 8.37 -18.99
N ARG B 176 19.09 8.23 -19.84
CA ARG B 176 20.48 8.45 -19.44
C ARG B 176 20.62 9.75 -18.65
N LYS B 177 19.93 10.80 -19.10
CA LYS B 177 20.03 12.12 -18.48
C LYS B 177 19.46 12.10 -17.06
N ASP B 178 18.29 11.48 -16.92
CA ASP B 178 17.62 11.44 -15.62
C ASP B 178 18.24 10.43 -14.62
N TYR B 179 18.93 9.42 -15.14
CA TYR B 179 19.63 8.48 -14.28
C TYR B 179 20.78 9.21 -13.59
N GLN B 180 21.60 9.89 -14.39
CA GLN B 180 22.73 10.63 -13.80
C GLN B 180 22.25 11.69 -12.80
N ARG B 181 21.18 12.39 -13.14
CA ARG B 181 20.56 13.33 -12.21
C ARG B 181 20.15 12.66 -10.88
N MET B 182 19.59 11.46 -10.96
CA MET B 182 19.16 10.76 -9.75
C MET B 182 20.34 10.38 -8.83
N LEU B 183 21.44 9.91 -9.41
CA LEU B 183 22.63 9.61 -8.62
C LEU B 183 23.22 10.87 -7.98
N ASP B 184 23.19 11.99 -8.71
CA ASP B 184 23.71 13.26 -8.19
C ASP B 184 22.88 13.70 -7.00
N LEU B 185 21.56 13.67 -7.17
CA LEU B 185 20.66 14.11 -6.15
C LEU B 185 20.76 13.21 -4.93
N MET B 186 20.81 11.90 -5.13
CA MET B 186 20.89 10.97 -4.01
C MET B 186 22.19 11.16 -3.24
N ARG B 187 23.28 11.43 -3.95
CA ARG B 187 24.54 11.68 -3.29
C ARG B 187 24.37 12.90 -2.39
N ASP B 188 23.93 14.01 -2.97
CA ASP B 188 23.80 15.29 -2.26
C ASP B 188 22.81 15.31 -1.10
N ILE B 189 21.63 14.72 -1.28
CA ILE B 189 20.66 14.64 -0.22
C ILE B 189 21.20 13.79 0.93
N ILE B 190 21.79 12.64 0.63
CA ILE B 190 22.26 11.75 1.68
C ILE B 190 23.41 12.38 2.48
N LEU B 191 24.39 12.98 1.81
CA LEU B 191 25.47 13.70 2.51
C LEU B 191 24.94 14.83 3.39
N ALA B 192 23.88 15.47 2.90
CA ALA B 192 23.14 16.48 3.66
C ALA B 192 22.62 16.01 5.05
N THR B 193 22.53 14.71 5.28
CA THR B 193 22.10 14.18 6.59
C THR B 193 23.18 14.30 7.68
N ASP B 194 24.40 14.65 7.29
CA ASP B 194 25.46 14.97 8.27
C ASP B 194 25.16 16.31 8.93
N LEU B 195 25.11 16.35 10.26
CA LEU B 195 24.75 17.59 10.92
C LEU B 195 25.87 18.62 10.76
N ALA B 196 27.11 18.15 10.66
CA ALA B 196 28.21 19.02 10.24
C ALA B 196 27.81 19.81 8.96
N HIS B 197 27.26 19.10 7.97
CA HIS B 197 26.88 19.73 6.73
C HIS B 197 25.77 20.76 6.91
N HIS B 198 24.72 20.42 7.65
CA HIS B 198 23.60 21.35 7.86
C HIS B 198 24.05 22.66 8.54
N LEU B 199 24.88 22.54 9.58
CA LEU B 199 25.40 23.69 10.31
C LEU B 199 26.24 24.61 9.42
N ARG B 200 26.99 24.04 8.48
CA ARG B 200 27.74 24.83 7.49
C ARG B 200 26.84 25.70 6.62
N ILE B 201 25.75 25.10 6.14
CA ILE B 201 24.90 25.78 5.17
C ILE B 201 23.80 26.56 5.87
N PHE B 202 23.83 26.57 7.19
CA PHE B 202 22.77 27.20 7.94
C PHE B 202 22.56 28.67 7.53
N LYS B 203 23.64 29.42 7.30
CA LYS B 203 23.56 30.82 6.90
C LYS B 203 22.88 30.97 5.56
N ASP B 204 23.28 30.11 4.63
CA ASP B 204 22.71 30.14 3.29
C ASP B 204 21.21 29.88 3.36
N LEU B 205 20.82 28.87 4.15
CA LEU B 205 19.39 28.58 4.41
C LEU B 205 18.68 29.74 5.10
N GLN B 206 19.37 30.43 6.02
CA GLN B 206 18.84 31.67 6.62
C GLN B 206 18.55 32.71 5.52
N LYS B 207 19.51 32.91 4.63
CA LYS B 207 19.40 33.89 3.55
C LYS B 207 18.18 33.57 2.67
N MET B 208 18.01 32.29 2.32
CA MET B 208 16.86 31.86 1.52
C MET B 208 15.50 32.05 2.24
N ALA B 209 15.49 31.95 3.57
CA ALA B 209 14.23 32.06 4.32
C ALA B 209 13.70 33.50 4.42
N GLU B 210 14.58 34.48 4.63
CA GLU B 210 14.14 35.87 4.73
C GLU B 210 14.00 36.59 3.37
N VAL B 211 14.85 36.30 2.37
CA VAL B 211 14.65 36.86 1.01
C VAL B 211 13.57 36.12 0.25
N GLY B 212 13.35 34.85 0.59
CA GLY B 212 12.28 34.06 0.02
C GLY B 212 12.77 33.04 -0.98
N TYR B 213 12.06 31.90 -1.02
CA TYR B 213 12.32 30.80 -1.95
C TYR B 213 11.89 31.20 -3.36
N ASP B 214 12.86 31.18 -4.27
CA ASP B 214 12.66 31.43 -5.67
C ASP B 214 12.60 30.08 -6.38
N ARG B 215 11.45 29.77 -6.98
CA ARG B 215 11.26 28.49 -7.66
C ARG B 215 12.21 28.31 -8.87
N ASN B 216 12.75 29.42 -9.37
CA ASN B 216 13.59 29.41 -10.56
C ASN B 216 15.07 29.41 -10.32
N ASN B 217 15.45 29.55 -9.05
CA ASN B 217 16.83 29.53 -8.64
C ASN B 217 17.23 28.09 -8.38
N LYS B 218 18.17 27.58 -9.16
CA LYS B 218 18.63 26.21 -9.00
C LYS B 218 19.28 25.93 -7.64
N GLN B 219 19.95 26.94 -7.06
CA GLN B 219 20.65 26.75 -5.79
C GLN B 219 19.64 26.73 -4.62
N HIS B 220 18.50 27.40 -4.75
CA HIS B 220 17.42 27.30 -3.76
C HIS B 220 16.85 25.87 -3.73
N HIS B 221 16.79 25.25 -4.91
CA HIS B 221 16.45 23.84 -5.04
C HIS B 221 17.42 22.95 -4.25
N ARG B 222 18.72 23.20 -4.34
CA ARG B 222 19.71 22.41 -3.56
C ARG B 222 19.49 22.64 -2.06
N LEU B 223 19.44 23.92 -1.68
CA LEU B 223 19.28 24.32 -0.29
C LEU B 223 17.98 23.82 0.30
N LEU B 224 16.89 23.96 -0.47
CA LEU B 224 15.59 23.48 -0.01
C LEU B 224 15.62 21.96 0.23
N LEU B 225 16.19 21.18 -0.71
CA LEU B 225 16.33 19.71 -0.53
C LEU B 225 17.08 19.31 0.77
N CYS B 226 18.23 19.94 1.01
CA CYS B 226 18.97 19.73 2.25
C CYS B 226 18.12 20.00 3.48
N LEU B 227 17.44 21.14 3.48
CA LEU B 227 16.63 21.55 4.61
C LEU B 227 15.55 20.53 4.92
N LEU B 228 14.80 20.15 3.90
CA LEU B 228 13.75 19.13 4.06
C LEU B 228 14.31 17.74 4.48
N MET B 229 15.56 17.42 4.11
CA MET B 229 16.17 16.11 4.45
C MET B 229 16.44 16.12 5.95
N THR B 230 17.15 17.17 6.40
CA THR B 230 17.32 17.45 7.82
C THR B 230 15.99 17.42 8.59
N SER B 231 14.98 18.08 8.06
CA SER B 231 13.69 18.14 8.70
C SER B 231 13.09 16.74 8.82
N CYS B 232 13.29 15.93 7.80
CA CYS B 232 12.83 14.54 7.86
C CYS B 232 13.68 13.79 8.89
N ASP B 233 14.98 14.03 8.91
CA ASP B 233 15.88 13.28 9.80
C ASP B 233 15.57 13.51 11.31
N LEU B 234 15.23 14.76 11.67
CA LEU B 234 14.85 15.14 13.03
C LEU B 234 13.32 15.17 13.28
N SER B 235 12.55 14.56 12.40
CA SER B 235 11.09 14.62 12.48
C SER B 235 10.53 13.98 13.75
N ASP B 236 11.33 13.19 14.47
CA ASP B 236 10.84 12.60 15.70
C ASP B 236 10.41 13.71 16.65
N GLN B 237 11.16 14.80 16.66
CA GLN B 237 10.92 15.91 17.56
C GLN B 237 9.68 16.75 17.23
N THR B 238 8.98 16.44 16.14
CA THR B 238 7.74 17.13 15.81
C THR B 238 6.51 16.31 16.21
N LYS B 239 6.72 15.23 16.93
CA LYS B 239 5.62 14.37 17.38
C LYS B 239 5.28 14.67 18.86
N GLY B 240 4.37 13.90 19.47
CA GLY B 240 4.02 14.09 20.87
C GLY B 240 5.24 13.98 21.77
N TRP B 241 5.08 14.35 23.04
CA TRP B 241 6.20 14.30 23.98
C TRP B 241 6.73 12.87 24.15
N LYS B 242 5.80 11.93 24.26
CA LYS B 242 6.14 10.54 24.47
C LYS B 242 7.13 10.01 23.42
N THR B 243 6.93 10.39 22.15
CA THR B 243 7.82 9.97 21.07
C THR B 243 9.21 10.53 21.28
N THR B 244 9.26 11.83 21.57
CA THR B 244 10.50 12.50 21.89
C THR B 244 11.24 11.82 23.05
N ARG B 245 10.50 11.48 24.10
CA ARG B 245 11.08 10.85 25.28
C ARG B 245 11.61 9.45 24.99
N LYS B 246 10.91 8.67 24.18
CA LYS B 246 11.35 7.30 23.88
C LYS B 246 12.53 7.29 22.87
N ILE B 247 12.57 8.27 21.97
CA ILE B 247 13.64 8.31 21.01
C ILE B 247 14.90 8.81 21.69
N ALA B 248 14.74 9.77 22.60
CA ALA B 248 15.87 10.21 23.41
C ALA B 248 16.48 9.00 24.07
N GLU B 249 15.62 8.19 24.69
CA GLU B 249 16.04 6.94 25.30
C GLU B 249 16.86 6.08 24.34
N LEU B 250 16.36 5.92 23.11
CA LEU B 250 17.07 5.12 22.10
C LEU B 250 18.40 5.76 21.72
N ILE B 251 18.41 7.06 21.46
CA ILE B 251 19.64 7.71 21.00
C ILE B 251 20.71 7.61 22.07
N TYR B 252 20.36 7.87 23.32
CA TYR B 252 21.40 7.89 24.35
C TYR B 252 21.98 6.47 24.61
N LYS B 253 21.10 5.48 24.57
CA LYS B 253 21.51 4.08 24.62
C LYS B 253 22.57 3.74 23.57
N GLU B 254 22.32 4.20 22.34
CA GLU B 254 23.22 3.93 21.25
C GLU B 254 24.53 4.69 21.45
N PHE B 255 24.43 5.96 21.88
CA PHE B 255 25.59 6.82 22.10
C PHE B 255 26.50 6.28 23.20
N PHE B 256 25.89 5.89 24.30
CA PHE B 256 26.67 5.42 25.44
C PHE B 256 27.44 4.13 25.08
N SER B 257 26.85 3.30 24.23
CA SER B 257 27.57 2.11 23.73
C SER B 257 28.83 2.54 23.01
N GLN B 258 28.68 3.51 22.12
CA GLN B 258 29.83 4.05 21.40
C GLN B 258 30.86 4.54 22.38
N GLY B 259 30.40 5.11 23.50
CA GLY B 259 31.27 5.65 24.53
C GLY B 259 32.02 4.57 25.28
N ASP B 260 31.29 3.53 25.69
CA ASP B 260 31.91 2.36 26.31
C ASP B 260 33.07 1.86 25.48
N LEU B 261 32.82 1.65 24.19
CA LEU B 261 33.83 1.15 23.26
C LEU B 261 35.06 2.06 23.25
N GLU B 262 34.84 3.37 23.21
CA GLU B 262 35.92 4.33 23.00
C GLU B 262 36.95 4.37 24.15
N LYS B 263 36.49 4.23 25.39
CA LYS B 263 37.43 4.20 26.50
C LYS B 263 38.05 2.83 26.66
N ALA B 264 37.30 1.78 26.38
CA ALA B 264 37.87 0.43 26.28
C ALA B 264 38.62 0.23 24.96
N MET B 265 39.36 1.25 24.50
CA MET B 265 40.15 1.19 23.26
C MET B 265 41.30 2.22 23.27
N PRO B 269 36.55 9.93 24.80
CA PRO B 269 35.17 10.00 24.33
C PRO B 269 34.50 11.35 24.60
N MET B 270 33.69 11.82 23.66
CA MET B 270 32.89 13.06 23.86
C MET B 270 31.84 12.86 24.95
N GLU B 271 31.57 13.95 25.69
CA GLU B 271 30.70 13.89 26.88
C GLU B 271 29.34 13.24 26.62
N MET B 272 28.70 13.59 25.53
CA MET B 272 27.37 13.04 25.23
C MET B 272 27.38 11.53 24.94
N MET B 273 28.56 10.97 24.69
CA MET B 273 28.73 9.52 24.53
C MET B 273 29.16 8.86 25.83
N ASP B 274 29.34 9.63 26.89
CA ASP B 274 29.92 9.13 28.13
C ASP B 274 28.85 9.02 29.21
N ARG B 275 28.43 7.80 29.53
CA ARG B 275 27.37 7.61 30.52
C ARG B 275 27.76 8.09 31.93
N GLU B 276 29.04 8.21 32.21
CA GLU B 276 29.47 8.75 33.51
C GLU B 276 29.46 10.29 33.54
N LYS B 277 29.52 10.96 32.38
CA LYS B 277 29.47 12.45 32.32
C LYS B 277 28.17 13.04 31.72
N ALA B 278 27.64 12.42 30.66
CA ALA B 278 26.42 12.91 29.99
C ALA B 278 25.31 13.28 30.97
N TYR B 279 24.88 14.53 30.91
CA TYR B 279 23.69 14.98 31.64
C TYR B 279 22.58 15.23 30.62
N ILE B 280 21.71 14.23 30.46
CA ILE B 280 20.76 14.18 29.36
C ILE B 280 19.89 15.42 29.19
N PRO B 281 19.32 15.94 30.29
CA PRO B 281 18.47 17.11 30.16
C PRO B 281 19.17 18.31 29.49
N GLU B 282 20.39 18.62 29.92
CA GLU B 282 21.07 19.76 29.34
C GLU B 282 21.27 19.43 27.87
N LEU B 283 21.69 18.20 27.59
CA LEU B 283 22.04 17.80 26.23
C LEU B 283 20.84 17.88 25.30
N GLN B 284 19.67 17.47 25.77
CA GLN B 284 18.46 17.53 24.97
C GLN B 284 18.05 18.96 24.75
N ILE B 285 18.19 19.80 25.78
CA ILE B 285 17.77 21.19 25.66
C ILE B 285 18.69 21.93 24.67
N SER B 286 19.99 21.71 24.77
CA SER B 286 20.93 22.31 23.87
C SER B 286 20.63 21.94 22.39
N PHE B 287 20.45 20.64 22.16
CA PHE B 287 20.05 20.13 20.85
C PHE B 287 18.72 20.72 20.34
N MET B 288 17.69 20.70 21.17
CA MET B 288 16.41 21.29 20.81
C MET B 288 16.59 22.78 20.50
N GLU B 289 17.22 23.49 21.42
CA GLU B 289 17.36 24.93 21.29
C GLU B 289 18.27 25.31 20.11
N HIS B 290 19.42 24.64 19.99
CA HIS B 290 20.46 25.05 19.04
C HIS B 290 20.47 24.33 17.69
N ILE B 291 19.77 23.20 17.57
CA ILE B 291 19.70 22.48 16.29
C ILE B 291 18.27 22.37 15.78
N ALA B 292 17.43 21.76 16.60
CA ALA B 292 16.08 21.39 16.21
C ALA B 292 15.18 22.61 15.92
N MET B 293 14.94 23.46 16.92
CA MET B 293 14.03 24.59 16.74
C MET B 293 14.38 25.48 15.54
N PRO B 294 15.65 25.82 15.36
CA PRO B 294 15.97 26.68 14.21
C PRO B 294 15.59 26.05 12.87
N ILE B 295 15.80 24.74 12.73
CA ILE B 295 15.39 24.02 11.52
C ILE B 295 13.91 24.18 11.26
N TYR B 296 13.08 23.92 12.27
CA TYR B 296 11.67 23.89 11.98
C TYR B 296 11.10 25.30 11.87
N LYS B 297 11.78 26.27 12.49
CA LYS B 297 11.48 27.70 12.28
C LYS B 297 11.75 28.10 10.83
N LEU B 298 12.94 27.78 10.30
CA LEU B 298 13.24 27.95 8.86
C LEU B 298 12.21 27.29 7.92
N LEU B 299 11.65 26.16 8.34
CA LEU B 299 10.58 25.51 7.59
C LEU B 299 9.27 26.32 7.64
N GLN B 300 8.95 26.85 8.82
CA GLN B 300 7.75 27.70 9.00
C GLN B 300 7.85 29.00 8.19
N ASP B 301 9.05 29.58 8.14
CA ASP B 301 9.29 30.78 7.34
C ASP B 301 9.05 30.57 5.86
N LEU B 302 9.57 29.46 5.33
CA LEU B 302 9.39 29.12 3.91
C LEU B 302 8.00 28.52 3.58
N PHE B 303 7.34 27.95 4.59
CA PHE B 303 6.09 27.21 4.43
C PHE B 303 5.19 27.50 5.64
N PRO B 304 4.24 28.44 5.50
CA PRO B 304 3.47 28.79 6.70
C PRO B 304 2.75 27.61 7.34
N LYS B 305 2.30 26.63 6.55
CA LYS B 305 1.57 25.48 7.09
C LYS B 305 2.41 24.59 8.02
N ALA B 306 3.74 24.70 7.96
CA ALA B 306 4.64 23.95 8.86
C ALA B 306 4.80 24.57 10.27
N ALA B 307 4.03 25.60 10.59
CA ALA B 307 4.07 26.23 11.92
C ALA B 307 3.83 25.22 13.03
N GLU B 308 2.73 24.46 12.93
CA GLU B 308 2.41 23.45 13.94
C GLU B 308 3.61 22.55 14.29
N LEU B 309 4.52 22.36 13.34
CA LEU B 309 5.72 21.56 13.55
C LEU B 309 6.72 22.32 14.42
N TYR B 310 7.04 23.57 14.08
CA TYR B 310 7.93 24.36 14.92
C TYR B 310 7.33 24.55 16.31
N GLU B 311 6.03 24.80 16.40
CA GLU B 311 5.39 25.08 17.70
C GLU B 311 5.52 23.84 18.59
N ARG B 312 5.29 22.68 18.00
CA ARG B 312 5.48 21.40 18.68
C ARG B 312 6.92 21.16 19.11
N VAL B 313 7.89 21.55 18.30
CA VAL B 313 9.27 21.33 18.69
C VAL B 313 9.54 22.18 19.92
N ALA B 314 9.04 23.41 19.93
CA ALA B 314 9.23 24.31 21.06
C ALA B 314 8.56 23.82 22.35
N SER B 315 7.36 23.23 22.24
CA SER B 315 6.69 22.64 23.40
C SER B 315 7.45 21.46 23.99
N ASN B 316 8.07 20.64 23.14
CA ASN B 316 8.80 19.48 23.61
C ASN B 316 10.13 19.90 24.22
N ARG B 317 10.69 21.01 23.74
CA ARG B 317 11.85 21.60 24.36
C ARG B 317 11.49 22.23 25.69
N GLU B 318 10.34 22.89 25.72
CA GLU B 318 9.82 23.46 26.95
C GLU B 318 9.56 22.35 27.99
N HIS B 319 9.09 21.21 27.52
CA HIS B 319 8.77 20.13 28.42
C HIS B 319 10.01 19.47 29.02
N TRP B 320 11.13 19.49 28.29
CA TRP B 320 12.39 18.96 28.84
C TRP B 320 12.86 19.78 30.07
N THR B 321 12.82 21.11 29.99
CA THR B 321 13.08 21.95 31.17
C THR B 321 12.12 21.57 32.31
N LYS B 322 10.83 21.48 32.01
CA LYS B 322 9.83 21.11 33.02
C LYS B 322 10.11 19.76 33.73
N VAL B 323 10.91 18.89 33.12
CA VAL B 323 11.08 17.55 33.66
C VAL B 323 12.51 17.27 34.15
N SER B 324 13.42 18.22 33.95
CA SER B 324 14.85 17.96 34.15
C SER B 324 15.24 17.74 35.61
N HIS B 325 14.47 18.34 36.52
CA HIS B 325 14.67 18.14 37.95
C HIS B 325 14.60 16.65 38.30
N LYS B 326 13.82 15.87 37.55
CA LYS B 326 13.71 14.44 37.83
C LYS B 326 15.04 13.71 37.73
N PHE B 327 16.08 14.39 37.24
CA PHE B 327 17.38 13.75 37.12
C PHE B 327 18.20 13.85 38.40
N THR B 328 17.80 14.72 39.31
CA THR B 328 18.42 14.77 40.63
C THR B 328 17.62 13.84 41.53
N ILE B 329 18.28 12.84 42.07
CA ILE B 329 17.62 11.86 42.90
C ILE B 329 17.17 12.48 44.20
N ARG B 330 15.87 12.39 44.47
CA ARG B 330 15.31 12.86 45.72
C ARG B 330 14.50 11.74 46.36
N GLY B 331 14.63 11.64 47.68
CA GLY B 331 14.13 10.50 48.41
C GLY B 331 15.17 9.42 48.28
N LEU B 332 14.77 8.18 48.40
CA LEU B 332 15.67 7.06 48.20
C LEU B 332 15.64 6.64 46.72
N PRO B 333 16.66 5.89 46.28
CA PRO B 333 16.56 5.33 44.96
C PRO B 333 15.35 4.40 44.84
N SER B 334 14.72 4.43 43.67
CA SER B 334 13.60 3.57 43.33
C SER B 334 13.50 2.35 44.24
N ASN B 335 14.59 1.58 44.34
CA ASN B 335 14.58 0.30 45.06
C ASN B 335 14.73 0.36 46.59
N ASN B 336 14.72 1.57 47.16
CA ASN B 336 14.77 1.78 48.61
C ASN B 336 16.13 1.59 49.24
N SER B 337 17.13 1.24 48.43
CA SER B 337 18.45 0.97 48.95
C SER B 337 19.40 2.14 48.64
N LEU B 338 20.37 2.31 49.50
CA LEU B 338 21.29 3.42 49.40
C LEU B 338 22.68 2.90 49.09
N ASP B 339 22.78 1.63 48.73
CA ASP B 339 24.07 1.00 48.50
C ASP B 339 24.38 0.89 47.02
N PHE B 340 24.01 1.94 46.29
CA PHE B 340 24.57 2.25 44.97
C PHE B 340 25.80 3.19 45.13
N LEU B 341 26.40 3.21 46.31
CA LEU B 341 27.53 4.09 46.60
C LEU B 341 28.46 3.52 47.66
ZN ZN C . -14.32 -13.33 -8.35
MG MG D . -10.92 -13.82 -8.79
C1 QMZ E . -12.47 -10.38 -1.13
C2 QMZ E . -12.55 -11.58 -2.07
C20 QMZ E . -9.28 -7.39 1.76
C21 QMZ E . -8.37 -6.40 1.37
C22 QMZ E . -7.70 -6.49 0.14
C23 QMZ E . -7.96 -7.57 -0.68
C25 QMZ E . -10.87 -8.30 3.42
C29 QMZ E . -6.03 -5.65 -1.48
O17 QMZ E . -8.09 -10.32 -1.40
C16 QMZ E . -9.09 -9.68 -1.23
C18 QMZ E . -8.88 -8.54 -0.30
O28 QMZ E . -6.80 -5.52 -0.27
O26 QMZ E . -8.12 -5.33 2.19
C27 QMZ E . -8.83 -5.15 3.44
O24 QMZ E . -9.93 -7.31 2.98
C19 QMZ E . -9.54 -8.47 0.91
N5 QMZ E . -10.22 -9.95 -1.85
C4 QMZ E . -10.28 -10.96 -2.90
C3 QMZ E . -11.16 -12.10 -2.40
C6 QMZ E . -11.53 -9.30 -1.64
C7 QMZ E . -13.85 -9.85 -0.88
C12 QMZ E . -14.88 -9.89 -1.83
C11 QMZ E . -16.16 -9.38 -1.52
N10 QMZ E . -16.40 -8.83 -0.33
N8 QMZ E . -14.17 -9.30 0.30
N13 QMZ E . -13.30 -9.14 1.37
C14 QMZ E . -14.10 -8.54 2.30
N15 QMZ E . -15.36 -8.34 1.81
C9 QMZ E . -15.37 -8.83 0.56
ZN ZN F . 18.93 9.45 10.00
MG MG G . 22.70 9.45 9.49
C1 QMZ H . 20.45 12.66 16.86
C2 QMZ H . 20.59 11.69 15.70
C20 QMZ H . 23.00 16.17 20.12
C21 QMZ H . 23.59 17.38 19.72
C22 QMZ H . 24.18 17.48 18.46
C23 QMZ H . 24.20 16.37 17.60
C25 QMZ H . 22.11 14.79 21.97
C29 QMZ H . 25.39 18.88 16.82
O17 QMZ H . 24.70 13.41 16.95
C16 QMZ H . 23.64 13.99 17.05
C18 QMZ H . 23.61 15.17 17.99
O28 QMZ H . 24.75 18.68 18.09
O26 QMZ H . 23.61 18.50 20.53
C27 QMZ H . 23.50 18.49 21.96
O24 QMZ H . 22.39 16.06 21.36
C19 QMZ H . 23.02 15.07 19.24
N5 QMZ H . 22.59 13.58 16.34
C4 QMZ H . 22.76 12.69 15.19
C3 QMZ H . 22.06 11.38 15.53
C6 QMZ H . 21.22 13.95 16.58
C7 QMZ H . 19.06 13.04 17.19
C12 QMZ H . 17.98 12.88 16.34
C11 QMZ H . 16.70 13.27 16.77
N10 QMZ H . 16.52 13.78 17.99
N8 QMZ H . 18.82 13.56 18.39
N13 QMZ H . 19.77 13.76 19.35
C14 QMZ H . 19.02 14.31 20.36
N15 QMZ H . 17.70 14.39 20.02
C9 QMZ H . 17.61 13.91 18.77
#